data_6V9L
#
_entry.id   6V9L
#
_cell.length_a   183.383
_cell.length_b   183.383
_cell.length_c   178.069
_cell.angle_alpha   90.000
_cell.angle_beta   90.000
_cell.angle_gamma   90.000
#
_symmetry.space_group_name_H-M   'I 4 2 2'
#
loop_
_entity.id
_entity.type
_entity.pdbx_description
1 polymer 'GTPase HRas'
2 polymer 'Son of sevenless homolog 1'
3 polymer 'GTPase HRas'
4 non-polymer 'PHOSPHOAMINOPHOSPHONIC ACID-GUANYLATE ESTER'
5 non-polymer 'MAGNESIUM ION'
6 non-polymer 'ACETATE ION'
7 non-polymer 4-(3-chloro-4-fluorophenoxy)benzene-1-sulfonamide
8 non-polymer 'FORMIC ACID'
9 non-polymer GLYCEROL
10 non-polymer 'SODIUM ION'
11 water water
#
loop_
_entity_poly.entity_id
_entity_poly.type
_entity_poly.pdbx_seq_one_letter_code
_entity_poly.pdbx_strand_id
1 'polypeptide(L)'
;GMTEYKLVVVGAGGVGKSALTIQLIQNHFVDEYDPTIEDSYRKQVVIDGET(CSO)LLDILDTAGQEEASAMRDQYMRTG
EGFLCVFAINNTKSFEDIHQYREQIKRVKDSDDVPMVLVGNKCDLAARTVESRQAQDLARSYGIPYIETSAKTRQGVEDA
FYTLVREIRQH
;
A
2 'polypeptide(L)'
;GQMRLPSADVYRFAEPDSEENIIFEENMQPKAGIPIIKAGTVIKLIERLTYHMYADPNFVRTFLTTYRSFCKPQELLSLI
IERFEIPEPEPTEADRIAIENGDQPLSAELKRFRKEYIQPVQLRVLNVCRHWVEHHFYDFERDAYLLQRMEEFIGTVRGK
AMKKWVESITKIIQRKKIARDNGPGHNITFQSSPPTVEWHISRPGHIETFDLLTLHPIEIARQLTLLESDLYRAVQPSEL
VGSVWTKEDKEINSPNLLKMIRHTTNLTLWFEKCIVETENLEERVAVVSRIIEILQVFQELNNFNGVLEVVSAMNSSPVY
RLDHTFEQIPSRQKKILEEAHELSEDHYKKYLAKLRSINPPCVPFFGIYLTNILKTEEGNPEVLKRHGKELINFSKRRKV
AEITGEIQQYQNQPYCLRVESDIKRFFENLNPMGNSMEKEFTDYLFNKSLEIEPRNPKPLPRFPKKYSYPLKSPGVRPSN
PR
;
B
3 'polypeptide(L)'
;GMTEYKLVVVGAGGVGKSALTIQLIQNHFVDEYDPTIEDSYRKQVVIDGETCLLDILDTAGQEEYSAMRDQYMRTGEGFL
CVFAINNTKSFEDIHQYREQIKRVKDSDDVPMVLVGNKCDLAARTVESRQAQDLARSYGIPYIETSAKTRQGVEDAFYTL
VREIRQH
;
C
#
# COMPACT_ATOMS: atom_id res chain seq x y z
N MET A 2 7.41 -5.30 -15.54
CA MET A 2 5.96 -5.11 -15.60
C MET A 2 5.58 -4.00 -16.59
N THR A 3 4.92 -4.40 -17.68
CA THR A 3 4.36 -3.44 -18.60
C THR A 3 3.06 -2.89 -18.02
N GLU A 4 2.80 -1.60 -18.25
CA GLU A 4 1.58 -0.97 -17.80
C GLU A 4 0.64 -0.79 -18.99
N TYR A 5 -0.64 -1.09 -18.79
CA TYR A 5 -1.66 -0.94 -19.84
C TYR A 5 -2.77 -0.02 -19.35
N LYS A 6 -3.12 0.98 -20.16
CA LYS A 6 -4.19 1.91 -19.81
C LYS A 6 -5.47 1.49 -20.53
N LEU A 7 -6.40 0.90 -19.80
CA LEU A 7 -7.67 0.46 -20.34
C LEU A 7 -8.74 1.45 -19.94
N VAL A 8 -9.70 1.68 -20.84
CA VAL A 8 -10.81 2.58 -20.57
C VAL A 8 -12.10 1.85 -20.88
N VAL A 9 -13.07 1.92 -19.97
CA VAL A 9 -14.36 1.25 -20.12
C VAL A 9 -15.40 2.31 -20.46
N VAL A 10 -16.03 2.19 -21.64
CA VAL A 10 -16.98 3.21 -22.12
C VAL A 10 -18.29 2.54 -22.51
N GLY A 11 -19.34 3.35 -22.63
CA GLY A 11 -20.65 2.84 -22.96
C GLY A 11 -21.76 3.60 -22.27
N ALA A 12 -23.00 3.37 -22.69
CA ALA A 12 -24.15 4.11 -22.19
C ALA A 12 -24.34 3.94 -20.69
N GLY A 13 -25.05 4.89 -20.09
CA GLY A 13 -25.35 4.79 -18.67
C GLY A 13 -26.11 3.53 -18.32
N GLY A 14 -25.67 2.86 -17.27
CA GLY A 14 -26.40 1.73 -16.73
C GLY A 14 -26.10 0.39 -17.34
N VAL A 15 -25.15 0.29 -18.27
CA VAL A 15 -24.91 -0.98 -18.93
C VAL A 15 -24.09 -1.95 -18.09
N GLY A 16 -23.45 -1.46 -17.03
CA GLY A 16 -22.66 -2.30 -16.15
C GLY A 16 -21.15 -2.08 -16.23
N LYS A 17 -20.69 -0.92 -16.71
CA LYS A 17 -19.24 -0.66 -16.77
C LYS A 17 -18.61 -0.78 -15.39
N SER A 18 -19.21 -0.13 -14.40
CA SER A 18 -18.64 -0.17 -13.06
C SER A 18 -18.76 -1.56 -12.46
N ALA A 19 -19.91 -2.22 -12.65
CA ALA A 19 -20.05 -3.57 -12.13
C ALA A 19 -19.02 -4.52 -12.74
N LEU A 20 -18.79 -4.40 -14.05
CA LEU A 20 -17.76 -5.24 -14.68
C LEU A 20 -16.40 -4.96 -14.05
N THR A 21 -16.07 -3.69 -13.88
CA THR A 21 -14.74 -3.34 -13.39
C THR A 21 -14.54 -3.81 -11.95
N ILE A 22 -15.54 -3.60 -11.10
CA ILE A 22 -15.43 -4.00 -9.70
C ILE A 22 -15.42 -5.52 -9.55
N GLN A 23 -16.16 -6.23 -10.40
CA GLN A 23 -16.05 -7.69 -10.42
C GLN A 23 -14.63 -8.13 -10.76
N LEU A 24 -14.01 -7.50 -11.77
CA LEU A 24 -12.63 -7.84 -12.10
C LEU A 24 -11.68 -7.51 -10.95
N ILE A 25 -11.86 -6.35 -10.33
CA ILE A 25 -10.88 -5.89 -9.34
C ILE A 25 -11.07 -6.59 -8.00
N GLN A 26 -12.32 -6.76 -7.57
CA GLN A 26 -12.62 -7.19 -6.20
C GLN A 26 -13.35 -8.51 -6.12
N ASN A 27 -13.74 -9.11 -7.25
CA ASN A 27 -14.56 -10.33 -7.25
C ASN A 27 -15.88 -10.13 -6.52
N HIS A 28 -16.45 -8.93 -6.62
CA HIS A 28 -17.68 -8.55 -5.93
C HIS A 28 -18.64 -7.95 -6.94
N PHE A 29 -19.91 -8.34 -6.88
CA PHE A 29 -20.93 -7.78 -7.77
C PHE A 29 -21.65 -6.63 -7.07
N VAL A 30 -21.65 -5.46 -7.69
CA VAL A 30 -22.31 -4.28 -7.13
C VAL A 30 -23.77 -4.28 -7.56
N ASP A 31 -24.68 -4.34 -6.59
CA ASP A 31 -26.11 -4.32 -6.87
C ASP A 31 -26.64 -2.91 -7.12
N GLU A 32 -26.04 -1.92 -6.47
CA GLU A 32 -26.50 -0.54 -6.59
C GLU A 32 -26.14 0.03 -7.96
N TYR A 33 -26.91 1.04 -8.37
CA TYR A 33 -26.66 1.78 -9.60
C TYR A 33 -26.31 3.21 -9.16
N ASP A 34 -25.00 3.44 -8.92
CA ASP A 34 -24.45 4.73 -8.55
C ASP A 34 -23.75 5.31 -9.79
N PRO A 35 -24.34 6.24 -10.50
CA PRO A 35 -23.73 6.71 -11.76
C PRO A 35 -22.34 7.29 -11.53
N THR A 36 -21.41 6.84 -12.38
CA THR A 36 -20.02 7.19 -12.25
C THR A 36 -19.75 8.57 -12.85
N ILE A 37 -18.80 9.29 -12.25
CA ILE A 37 -18.26 10.47 -12.89
C ILE A 37 -16.95 10.08 -13.55
N GLU A 38 -15.95 9.69 -12.76
CA GLU A 38 -14.78 9.00 -13.30
C GLU A 38 -14.03 8.33 -12.15
N ASP A 39 -13.78 7.04 -12.30
CA ASP A 39 -13.10 6.25 -11.28
C ASP A 39 -11.92 5.55 -11.94
N SER A 40 -10.91 5.25 -11.15
CA SER A 40 -9.75 4.53 -11.67
CA SER A 40 -9.69 4.60 -11.63
C SER A 40 -9.33 3.44 -10.72
N TYR A 41 -8.85 2.35 -11.31
CA TYR A 41 -8.46 1.15 -10.57
C TYR A 41 -7.14 0.65 -11.11
N ARG A 42 -6.40 -0.08 -10.27
CA ARG A 42 -5.17 -0.74 -10.73
C ARG A 42 -5.23 -2.21 -10.37
N LYS A 43 -4.64 -3.03 -11.25
CA LYS A 43 -4.62 -4.47 -11.04
C LYS A 43 -3.33 -5.06 -11.60
N GLN A 44 -2.55 -5.69 -10.73
CA GLN A 44 -1.42 -6.50 -11.18
C GLN A 44 -1.91 -7.90 -11.51
N VAL A 45 -1.57 -8.40 -12.70
CA VAL A 45 -2.09 -9.71 -13.11
C VAL A 45 -1.14 -10.31 -14.14
N VAL A 46 -0.99 -11.62 -14.10
CA VAL A 46 -0.19 -12.33 -15.10
C VAL A 46 -1.11 -12.76 -16.24
N ILE A 47 -0.79 -12.31 -17.45
CA ILE A 47 -1.58 -12.63 -18.64
C ILE A 47 -0.65 -13.24 -19.66
N ASP A 48 -0.97 -14.46 -20.12
CA ASP A 48 -0.12 -15.20 -21.04
C ASP A 48 1.33 -15.24 -20.56
N GLY A 49 1.50 -15.49 -19.26
CA GLY A 49 2.80 -15.67 -18.66
C GLY A 49 3.59 -14.40 -18.41
N GLU A 50 3.03 -13.23 -18.71
CA GLU A 50 3.72 -11.96 -18.52
C GLU A 50 2.97 -11.14 -17.47
N THR A 51 3.70 -10.65 -16.48
CA THR A 51 3.07 -9.82 -15.46
C THR A 51 2.82 -8.44 -15.99
N LEU A 53 0.53 -4.50 -15.26
CA LEU A 53 -0.20 -3.63 -14.38
C LEU A 53 -1.27 -2.97 -15.21
N LEU A 54 -2.52 -3.25 -14.89
CA LEU A 54 -3.63 -2.64 -15.62
C LEU A 54 -4.07 -1.40 -14.88
N ASP A 55 -4.13 -0.27 -15.59
CA ASP A 55 -4.79 0.93 -15.10
C ASP A 55 -6.13 1.00 -15.80
N ILE A 56 -7.21 0.93 -15.05
CA ILE A 56 -8.55 0.84 -15.66
C ILE A 56 -9.31 2.10 -15.31
N LEU A 57 -9.71 2.85 -16.34
CA LEU A 57 -10.51 4.05 -16.17
C LEU A 57 -11.97 3.69 -16.40
N ASP A 58 -12.81 3.96 -15.40
CA ASP A 58 -14.23 3.67 -15.45
C ASP A 58 -14.95 4.99 -15.66
N THR A 59 -15.64 5.13 -16.80
CA THR A 59 -16.11 6.43 -17.26
C THR A 59 -17.61 6.60 -17.06
N ALA A 60 -18.08 7.82 -17.32
CA ALA A 60 -19.48 8.17 -17.12
C ALA A 60 -20.28 7.87 -18.39
N GLY A 61 -21.37 7.12 -18.23
CA GLY A 61 -22.26 6.88 -19.33
C GLY A 61 -23.40 7.86 -19.42
N GLN A 62 -23.71 8.58 -18.33
CA GLN A 62 -24.84 9.49 -18.37
C GLN A 62 -24.60 10.60 -19.40
N GLU A 63 -25.66 10.94 -20.14
CA GLU A 63 -25.50 11.90 -21.24
C GLU A 63 -25.04 13.26 -20.75
N GLU A 64 -25.36 13.62 -19.50
CA GLU A 64 -24.95 14.90 -18.96
C GLU A 64 -23.42 15.04 -18.92
N ALA A 65 -22.66 13.96 -19.00
CA ALA A 65 -21.22 14.03 -19.03
C ALA A 65 -20.63 13.91 -20.43
N SER A 66 -21.46 14.01 -21.48
CA SER A 66 -21.00 13.62 -22.81
C SER A 66 -19.96 14.58 -23.39
N ALA A 67 -19.85 15.79 -22.86
CA ALA A 67 -18.87 16.75 -23.38
C ALA A 67 -17.49 16.61 -22.74
N MET A 68 -17.27 15.60 -21.88
CA MET A 68 -16.04 15.50 -21.12
C MET A 68 -15.22 14.26 -21.49
N ARG A 69 -15.41 13.71 -22.69
CA ARG A 69 -14.81 12.43 -23.03
C ARG A 69 -13.44 12.54 -23.70
N ASP A 70 -13.18 13.62 -24.44
CA ASP A 70 -11.92 13.70 -25.17
C ASP A 70 -10.73 13.47 -24.23
N GLN A 71 -10.80 14.03 -23.02
CA GLN A 71 -9.66 14.00 -22.11
C GLN A 71 -9.29 12.57 -21.71
N TYR A 72 -10.27 11.69 -21.53
CA TYR A 72 -9.89 10.32 -21.19
C TYR A 72 -9.62 9.47 -22.42
N MET A 73 -10.18 9.82 -23.57
CA MET A 73 -9.88 9.06 -24.77
C MET A 73 -8.45 9.30 -25.23
N ARG A 74 -7.90 10.47 -24.92
CA ARG A 74 -6.52 10.74 -25.29
C ARG A 74 -5.55 9.82 -24.57
N THR A 75 -5.80 9.58 -23.28
CA THR A 75 -4.85 8.81 -22.48
C THR A 75 -5.00 7.30 -22.66
N GLY A 76 -6.17 6.82 -23.05
CA GLY A 76 -6.40 5.38 -23.08
C GLY A 76 -5.66 4.69 -24.21
N GLU A 77 -5.16 3.49 -23.92
CA GLU A 77 -4.52 2.67 -24.94
CA GLU A 77 -4.51 2.65 -24.92
C GLU A 77 -5.46 1.66 -25.55
N GLY A 78 -6.49 1.24 -24.82
CA GLY A 78 -7.47 0.30 -25.33
C GLY A 78 -8.80 0.57 -24.67
N PHE A 79 -9.89 0.23 -25.39
CA PHE A 79 -11.22 0.57 -24.93
C PHE A 79 -12.12 -0.64 -24.91
N LEU A 80 -12.75 -0.90 -23.76
N LEU A 80 -12.82 -0.82 -23.78
CA LEU A 80 -13.88 -1.81 -23.71
CA LEU A 80 -13.89 -1.81 -23.66
C LEU A 80 -15.12 -1.01 -24.04
C LEU A 80 -15.20 -1.10 -23.96
N CYS A 81 -15.81 -1.39 -25.11
CA CYS A 81 -17.03 -0.71 -25.55
C CYS A 81 -18.21 -1.58 -25.11
N VAL A 82 -18.91 -1.14 -24.06
CA VAL A 82 -19.89 -1.98 -23.37
C VAL A 82 -21.29 -1.53 -23.72
N PHE A 83 -22.14 -2.50 -24.07
CA PHE A 83 -23.57 -2.29 -24.10
C PHE A 83 -24.22 -3.40 -23.26
N ALA A 84 -25.52 -3.29 -23.01
CA ALA A 84 -26.24 -4.32 -22.28
C ALA A 84 -27.17 -5.05 -23.24
N ILE A 85 -27.18 -6.39 -23.15
CA ILE A 85 -27.89 -7.18 -24.17
C ILE A 85 -29.40 -7.11 -24.02
N ASN A 86 -29.89 -6.48 -22.95
CA ASN A 86 -31.31 -6.22 -22.80
C ASN A 86 -31.66 -4.75 -23.03
N ASN A 87 -30.78 -3.98 -23.67
N ASN A 87 -30.80 -4.00 -23.72
CA ASN A 87 -31.06 -2.55 -23.89
CA ASN A 87 -30.97 -2.55 -23.90
C ASN A 87 -30.59 -2.19 -25.31
C ASN A 87 -30.52 -2.19 -25.31
N THR A 88 -31.53 -2.14 -26.25
N THR A 88 -31.47 -2.17 -26.25
CA THR A 88 -31.18 -1.89 -27.64
CA THR A 88 -31.11 -1.90 -27.65
C THR A 88 -30.57 -0.51 -27.83
C THR A 88 -30.56 -0.49 -27.85
N LYS A 89 -31.06 0.49 -27.09
CA LYS A 89 -30.51 1.84 -27.25
C LYS A 89 -29.02 1.87 -26.90
N SER A 90 -28.62 1.12 -25.86
CA SER A 90 -27.19 1.08 -25.51
C SER A 90 -26.37 0.45 -26.62
N PHE A 91 -26.94 -0.50 -27.34
CA PHE A 91 -26.24 -1.06 -28.50
C PHE A 91 -26.11 -0.02 -29.62
N GLU A 92 -27.19 0.72 -29.88
CA GLU A 92 -27.13 1.78 -30.88
C GLU A 92 -26.16 2.89 -30.47
N ASP A 93 -25.92 3.08 -29.17
CA ASP A 93 -24.96 4.09 -28.74
C ASP A 93 -23.51 3.69 -28.99
N ILE A 94 -23.24 2.41 -29.26
CA ILE A 94 -21.86 1.94 -29.40
C ILE A 94 -21.14 2.70 -30.51
N HIS A 95 -21.81 2.91 -31.66
CA HIS A 95 -21.07 3.47 -32.77
C HIS A 95 -20.62 4.91 -32.48
N GLN A 96 -21.38 5.65 -31.66
N GLN A 96 -21.37 5.63 -31.64
CA GLN A 96 -20.93 6.99 -31.28
CA GLN A 96 -20.95 6.98 -31.27
C GLN A 96 -19.61 6.93 -30.54
C GLN A 96 -19.66 6.98 -30.48
N TYR A 97 -19.49 6.02 -29.56
CA TYR A 97 -18.23 5.88 -28.84
C TYR A 97 -17.11 5.46 -29.77
N ARG A 98 -17.40 4.49 -30.65
CA ARG A 98 -16.38 4.03 -31.59
C ARG A 98 -15.88 5.19 -32.46
N GLU A 99 -16.80 6.01 -32.96
CA GLU A 99 -16.40 7.10 -33.84
C GLU A 99 -15.66 8.19 -33.08
N GLN A 100 -16.08 8.48 -31.84
CA GLN A 100 -15.37 9.51 -31.08
C GLN A 100 -13.95 9.06 -30.74
N ILE A 101 -13.78 7.78 -30.37
CA ILE A 101 -12.45 7.29 -30.05
C ILE A 101 -11.53 7.42 -31.25
N LYS A 102 -12.03 7.03 -32.42
CA LYS A 102 -11.22 7.13 -33.65
C LYS A 102 -10.84 8.57 -33.95
N ARG A 103 -11.77 9.51 -33.73
N ARG A 103 -11.77 9.51 -33.71
CA ARG A 103 -11.46 10.91 -34.00
CA ARG A 103 -11.50 10.91 -33.99
C ARG A 103 -10.39 11.42 -33.05
C ARG A 103 -10.45 11.47 -33.04
N VAL A 104 -10.58 11.21 -31.75
CA VAL A 104 -9.66 11.75 -30.75
C VAL A 104 -8.26 11.19 -30.94
N LYS A 105 -8.17 9.87 -31.11
CA LYS A 105 -6.85 9.27 -31.27
C LYS A 105 -6.34 9.37 -32.70
N ASP A 106 -7.14 9.94 -33.60
CA ASP A 106 -6.75 10.12 -35.01
C ASP A 106 -6.22 8.82 -35.59
N SER A 107 -7.01 7.76 -35.44
CA SER A 107 -6.54 6.43 -35.80
C SER A 107 -7.72 5.54 -36.11
N ASP A 108 -7.57 4.73 -37.16
CA ASP A 108 -8.51 3.69 -37.56
C ASP A 108 -8.23 2.37 -36.87
N ASP A 109 -7.20 2.31 -36.03
CA ASP A 109 -6.62 1.06 -35.54
C ASP A 109 -6.40 1.13 -34.03
N VAL A 110 -7.45 1.47 -33.28
CA VAL A 110 -7.35 1.57 -31.83
C VAL A 110 -7.75 0.23 -31.21
N PRO A 111 -6.96 -0.33 -30.28
CA PRO A 111 -7.37 -1.57 -29.61
C PRO A 111 -8.73 -1.42 -28.93
N MET A 112 -9.66 -2.30 -29.28
N MET A 112 -9.67 -2.30 -29.27
CA MET A 112 -11.00 -2.28 -28.70
CA MET A 112 -11.01 -2.24 -28.70
C MET A 112 -11.50 -3.71 -28.54
C MET A 112 -11.61 -3.63 -28.66
N VAL A 113 -12.48 -3.86 -27.66
CA VAL A 113 -13.28 -5.08 -27.54
C VAL A 113 -14.73 -4.65 -27.38
N LEU A 114 -15.64 -5.29 -28.14
CA LEU A 114 -17.07 -5.05 -27.97
C LEU A 114 -17.61 -5.98 -26.90
N VAL A 115 -18.30 -5.44 -25.89
CA VAL A 115 -18.75 -6.23 -24.75
C VAL A 115 -20.26 -6.13 -24.64
N GLY A 116 -20.92 -7.29 -24.69
CA GLY A 116 -22.35 -7.33 -24.44
C GLY A 116 -22.60 -7.84 -23.03
N ASN A 117 -22.93 -6.93 -22.12
CA ASN A 117 -23.02 -7.27 -20.70
C ASN A 117 -24.45 -7.68 -20.32
N LYS A 118 -24.58 -8.19 -19.09
CA LYS A 118 -25.84 -8.66 -18.49
C LYS A 118 -26.32 -9.96 -19.15
N CYS A 119 -25.37 -10.82 -19.55
CA CYS A 119 -25.77 -12.04 -20.25
C CYS A 119 -26.37 -13.08 -19.31
N ASP A 120 -26.42 -12.81 -18.00
CA ASP A 120 -27.16 -13.64 -17.07
C ASP A 120 -28.67 -13.47 -17.18
N LEU A 121 -29.13 -12.41 -17.84
CA LEU A 121 -30.56 -12.12 -17.94
C LEU A 121 -31.17 -12.83 -19.14
N ALA A 122 -32.32 -13.46 -18.93
CA ALA A 122 -32.97 -14.20 -20.02
C ALA A 122 -33.56 -13.27 -21.07
N ALA A 123 -34.03 -12.09 -20.66
CA ALA A 123 -34.82 -11.20 -21.53
C ALA A 123 -33.91 -10.37 -22.44
N ARG A 124 -33.26 -11.07 -23.37
CA ARG A 124 -32.35 -10.43 -24.31
C ARG A 124 -33.12 -9.70 -25.41
N THR A 125 -32.65 -8.50 -25.78
CA THR A 125 -33.21 -7.78 -26.91
C THR A 125 -32.21 -7.50 -28.03
N VAL A 126 -30.91 -7.66 -27.78
CA VAL A 126 -29.88 -7.56 -28.82
C VAL A 126 -29.38 -8.97 -29.06
N GLU A 127 -29.54 -9.47 -30.29
CA GLU A 127 -29.08 -10.81 -30.60
C GLU A 127 -27.56 -10.82 -30.78
N SER A 128 -26.94 -11.95 -30.40
CA SER A 128 -25.50 -12.08 -30.52
C SER A 128 -25.03 -11.82 -31.95
N ARG A 129 -25.79 -12.32 -32.93
CA ARG A 129 -25.40 -12.17 -34.33
C ARG A 129 -25.28 -10.70 -34.74
N GLN A 130 -26.24 -9.87 -34.30
CA GLN A 130 -26.17 -8.45 -34.62
C GLN A 130 -24.93 -7.81 -34.03
N ALA A 131 -24.59 -8.16 -32.79
CA ALA A 131 -23.41 -7.57 -32.18
C ALA A 131 -22.14 -8.11 -32.84
N GLN A 132 -22.12 -9.40 -33.16
CA GLN A 132 -20.96 -9.97 -33.82
C GLN A 132 -20.73 -9.34 -35.19
N ASP A 133 -21.81 -9.09 -35.94
CA ASP A 133 -21.66 -8.41 -37.22
C ASP A 133 -21.01 -7.05 -37.05
N LEU A 134 -21.45 -6.29 -36.04
CA LEU A 134 -20.85 -4.99 -35.79
C LEU A 134 -19.37 -5.12 -35.43
N ALA A 135 -19.06 -6.05 -34.52
CA ALA A 135 -17.67 -6.26 -34.14
C ALA A 135 -16.82 -6.59 -35.36
N ARG A 136 -17.31 -7.46 -36.25
CA ARG A 136 -16.51 -7.79 -37.44
C ARG A 136 -16.27 -6.56 -38.30
N SER A 137 -17.28 -5.69 -38.43
CA SER A 137 -17.11 -4.47 -39.20
C SER A 137 -16.06 -3.56 -38.60
N TYR A 138 -15.82 -3.67 -37.29
CA TYR A 138 -14.79 -2.90 -36.61
C TYR A 138 -13.46 -3.63 -36.56
N GLY A 139 -13.42 -4.91 -36.93
CA GLY A 139 -12.21 -5.70 -36.79
C GLY A 139 -11.85 -6.09 -35.38
N ILE A 140 -12.84 -6.23 -34.49
CA ILE A 140 -12.56 -6.45 -33.07
C ILE A 140 -13.38 -7.64 -32.57
N PRO A 141 -12.95 -8.27 -31.48
CA PRO A 141 -13.73 -9.37 -30.92
C PRO A 141 -14.95 -8.87 -30.16
N TYR A 142 -15.91 -9.77 -30.04
CA TYR A 142 -17.14 -9.57 -29.29
C TYR A 142 -17.19 -10.59 -28.17
N ILE A 143 -17.39 -10.12 -26.94
CA ILE A 143 -17.40 -10.99 -25.77
C ILE A 143 -18.63 -10.65 -24.93
N GLU A 144 -19.46 -11.67 -24.65
CA GLU A 144 -20.60 -11.45 -23.78
C GLU A 144 -20.20 -11.75 -22.34
N THR A 145 -20.68 -10.91 -21.43
CA THR A 145 -20.22 -10.93 -20.06
C THR A 145 -21.39 -10.83 -19.10
N SER A 146 -21.15 -11.28 -17.87
CA SER A 146 -22.04 -10.97 -16.76
C SER A 146 -21.19 -10.50 -15.59
N ALA A 147 -21.37 -9.24 -15.19
CA ALA A 147 -20.72 -8.77 -13.98
C ALA A 147 -21.27 -9.48 -12.74
N LYS A 148 -22.48 -10.03 -12.83
CA LYS A 148 -23.09 -10.71 -11.69
C LYS A 148 -22.47 -12.08 -11.47
N THR A 149 -22.33 -12.88 -12.53
CA THR A 149 -21.85 -14.25 -12.40
C THR A 149 -20.37 -14.41 -12.67
N ARG A 150 -19.70 -13.39 -13.22
CA ARG A 150 -18.31 -13.36 -13.70
C ARG A 150 -18.15 -13.96 -15.08
N GLN A 151 -19.20 -14.50 -15.71
CA GLN A 151 -19.04 -15.06 -17.04
C GLN A 151 -18.40 -14.04 -17.98
N GLY A 152 -17.30 -14.44 -18.62
CA GLY A 152 -16.67 -13.62 -19.66
C GLY A 152 -15.88 -12.42 -19.18
N VAL A 153 -15.86 -12.13 -17.88
CA VAL A 153 -15.30 -10.85 -17.42
C VAL A 153 -13.78 -10.82 -17.63
N GLU A 154 -13.07 -11.84 -17.15
CA GLU A 154 -11.63 -11.89 -17.38
C GLU A 154 -11.34 -11.95 -18.88
N ASP A 155 -12.13 -12.70 -19.63
CA ASP A 155 -11.92 -12.80 -21.08
C ASP A 155 -12.00 -11.44 -21.73
N ALA A 156 -12.98 -10.61 -21.35
CA ALA A 156 -13.13 -9.32 -21.99
C ALA A 156 -11.92 -8.42 -21.73
N PHE A 157 -11.55 -8.28 -20.45
CA PHE A 157 -10.44 -7.39 -20.12
C PHE A 157 -9.12 -7.93 -20.64
N TYR A 158 -8.89 -9.23 -20.50
CA TYR A 158 -7.58 -9.73 -20.89
C TYR A 158 -7.44 -9.84 -22.41
N THR A 159 -8.55 -10.02 -23.13
CA THR A 159 -8.50 -9.91 -24.58
C THR A 159 -8.08 -8.50 -24.99
N LEU A 160 -8.62 -7.48 -24.32
CA LEU A 160 -8.21 -6.12 -24.63
C LEU A 160 -6.71 -5.91 -24.38
N VAL A 161 -6.20 -6.46 -23.28
CA VAL A 161 -4.75 -6.38 -23.04
C VAL A 161 -3.98 -6.98 -24.20
N ARG A 162 -4.39 -8.16 -24.67
CA ARG A 162 -3.70 -8.81 -25.78
C ARG A 162 -3.71 -7.95 -27.03
N GLU A 163 -4.82 -7.23 -27.26
CA GLU A 163 -4.92 -6.33 -28.42
CA GLU A 163 -4.87 -6.37 -28.43
C GLU A 163 -3.92 -5.19 -28.30
N ILE A 164 -3.80 -4.62 -27.10
CA ILE A 164 -2.82 -3.56 -26.91
C ILE A 164 -1.41 -4.11 -27.08
N ARG A 165 -1.17 -5.31 -26.57
CA ARG A 165 0.16 -5.92 -26.66
C ARG A 165 0.56 -6.13 -28.11
N GLN A 166 -0.39 -6.54 -28.96
CA GLN A 166 -0.07 -6.83 -30.36
C GLN A 166 -0.24 -5.61 -31.27
N HIS A 167 -0.62 -4.46 -30.73
CA HIS A 167 -0.78 -3.24 -31.49
C HIS A 167 0.56 -2.71 -31.99
N GLY B 1 -10.46 31.05 -29.53
CA GLY B 1 -9.67 31.47 -28.39
C GLY B 1 -10.11 30.80 -27.10
N GLN B 2 -9.31 30.96 -26.05
CA GLN B 2 -9.69 30.41 -24.76
C GLN B 2 -10.93 31.11 -24.22
N MET B 3 -11.66 30.41 -23.37
CA MET B 3 -12.79 31.03 -22.71
C MET B 3 -12.29 32.10 -21.75
N ARG B 4 -13.01 33.19 -21.68
CA ARG B 4 -12.76 34.14 -20.61
C ARG B 4 -13.25 33.57 -19.29
N LEU B 5 -12.68 34.06 -18.20
CA LEU B 5 -12.94 33.58 -16.87
C LEU B 5 -13.57 34.66 -16.01
N PRO B 6 -14.21 34.30 -14.90
CA PRO B 6 -14.64 35.33 -13.95
C PRO B 6 -13.44 36.11 -13.46
N SER B 7 -13.70 37.34 -13.03
CA SER B 7 -12.68 38.13 -12.36
C SER B 7 -12.16 37.40 -11.13
N ALA B 8 -10.83 37.38 -10.97
CA ALA B 8 -10.25 36.72 -9.81
C ALA B 8 -10.64 37.38 -8.51
N ASP B 9 -11.20 38.59 -8.55
CA ASP B 9 -11.69 39.26 -7.36
C ASP B 9 -13.02 38.68 -6.87
N VAL B 10 -13.84 38.13 -7.76
CA VAL B 10 -15.08 37.48 -7.35
C VAL B 10 -14.95 35.96 -7.29
N TYR B 11 -13.93 35.38 -7.93
CA TYR B 11 -13.80 33.93 -7.99
C TYR B 11 -12.32 33.60 -7.94
N ARG B 12 -11.84 33.13 -6.77
CA ARG B 12 -10.42 33.05 -6.51
C ARG B 12 -9.69 32.06 -7.41
N PHE B 13 -10.39 31.07 -7.94
CA PHE B 13 -9.75 30.02 -8.73
C PHE B 13 -9.46 30.43 -10.17
N ALA B 14 -9.68 31.70 -10.53
CA ALA B 14 -9.35 32.20 -11.86
C ALA B 14 -8.06 33.00 -11.89
N GLU B 15 -7.34 33.07 -10.77
CA GLU B 15 -6.05 33.72 -10.77
C GLU B 15 -5.10 33.00 -11.73
N PRO B 16 -4.30 33.73 -12.52
CA PRO B 16 -3.40 33.04 -13.44
C PRO B 16 -2.34 32.23 -12.71
N ASP B 17 -1.97 31.11 -13.33
CA ASP B 17 -0.82 30.33 -12.86
C ASP B 17 0.43 31.21 -12.89
N SER B 18 1.24 31.10 -11.83
CA SER B 18 2.55 31.74 -11.79
C SER B 18 3.44 30.90 -10.90
N GLU B 19 4.75 31.12 -11.00
CA GLU B 19 5.66 30.43 -10.09
C GLU B 19 5.46 30.84 -8.64
N GLU B 20 4.71 31.90 -8.37
CA GLU B 20 4.36 32.26 -7.00
C GLU B 20 3.18 31.46 -6.46
N ASN B 21 2.47 30.70 -7.30
CA ASN B 21 1.38 29.90 -6.77
C ASN B 21 1.33 28.44 -7.25
N ILE B 22 2.12 28.04 -8.26
CA ILE B 22 2.12 26.64 -8.68
C ILE B 22 3.44 26.35 -9.40
N ILE B 23 4.01 25.19 -9.12
CA ILE B 23 5.22 24.74 -9.79
C ILE B 23 4.97 23.34 -10.33
N PHE B 24 5.28 23.14 -11.60
CA PHE B 24 5.09 21.83 -12.23
C PHE B 24 6.40 21.07 -12.30
N GLU B 25 6.31 19.74 -12.29
CA GLU B 25 7.47 18.91 -12.55
C GLU B 25 7.87 19.01 -14.01
N GLU B 26 9.13 18.68 -14.28
CA GLU B 26 9.60 18.61 -15.66
C GLU B 26 9.11 17.32 -16.30
N GLY B 33 -0.83 13.14 -21.16
CA GLY B 33 0.12 14.23 -21.12
C GLY B 33 -0.32 15.40 -20.26
N ILE B 34 -0.91 15.08 -19.10
CA ILE B 34 -1.38 16.12 -18.19
C ILE B 34 -0.23 16.53 -17.27
N PRO B 35 -0.19 17.77 -16.82
CA PRO B 35 0.92 18.23 -15.97
C PRO B 35 0.92 17.52 -14.63
N ILE B 36 2.12 17.42 -14.05
CA ILE B 36 2.33 16.85 -12.72
C ILE B 36 2.78 18.00 -11.82
N ILE B 37 2.10 18.15 -10.69
CA ILE B 37 2.32 19.32 -9.83
C ILE B 37 3.40 18.98 -8.82
N LYS B 38 4.43 19.85 -8.76
CA LYS B 38 5.43 19.72 -7.71
C LYS B 38 5.00 20.41 -6.43
N ALA B 39 4.44 21.63 -6.55
CA ALA B 39 4.11 22.43 -5.37
C ALA B 39 3.05 23.45 -5.77
N GLY B 40 2.29 23.92 -4.79
CA GLY B 40 1.36 25.01 -5.09
C GLY B 40 0.65 25.47 -3.85
N THR B 41 -0.07 26.58 -4.00
CA THR B 41 -0.96 26.99 -2.92
C THR B 41 -2.13 26.03 -2.85
N VAL B 42 -2.82 26.04 -1.71
CA VAL B 42 -3.99 25.16 -1.58
C VAL B 42 -5.04 25.52 -2.63
N ILE B 43 -5.20 26.82 -2.93
CA ILE B 43 -6.16 27.24 -3.96
C ILE B 43 -5.81 26.61 -5.30
N LYS B 44 -4.52 26.65 -5.67
CA LYS B 44 -4.12 26.08 -6.97
C LYS B 44 -4.25 24.57 -6.97
N LEU B 45 -3.97 23.90 -5.84
CA LEU B 45 -4.15 22.46 -5.78
C LEU B 45 -5.61 22.09 -5.99
N ILE B 46 -6.53 22.85 -5.39
CA ILE B 46 -7.94 22.54 -5.53
C ILE B 46 -8.43 22.84 -6.95
N GLU B 47 -7.92 23.93 -7.54
CA GLU B 47 -8.24 24.22 -8.94
C GLU B 47 -7.85 23.04 -9.84
N ARG B 48 -6.64 22.52 -9.66
CA ARG B 48 -6.19 21.43 -10.54
C ARG B 48 -6.83 20.10 -10.17
N LEU B 49 -7.28 19.96 -8.93
CA LEU B 49 -8.04 18.79 -8.50
C LEU B 49 -9.36 18.70 -9.23
N THR B 50 -9.88 19.82 -9.71
CA THR B 50 -11.21 19.93 -10.27
C THR B 50 -11.14 20.68 -11.60
N TYR B 51 -10.12 20.37 -12.38
CA TYR B 51 -9.75 21.21 -13.52
C TYR B 51 -10.73 21.06 -14.68
N HIS B 52 -11.01 22.16 -15.39
CA HIS B 52 -12.02 22.06 -16.43
C HIS B 52 -11.53 21.30 -17.66
N MET B 53 -10.21 21.22 -17.89
CA MET B 53 -9.70 20.63 -19.13
CA MET B 53 -9.72 20.62 -19.14
C MET B 53 -9.56 19.11 -19.07
N TYR B 54 -9.38 18.53 -17.90
CA TYR B 54 -9.17 17.10 -17.82
C TYR B 54 -9.54 16.60 -16.44
N ALA B 55 -9.85 15.31 -16.36
CA ALA B 55 -9.97 14.62 -15.08
C ALA B 55 -8.62 14.03 -14.68
N ASP B 56 -8.43 13.85 -13.38
CA ASP B 56 -7.17 13.33 -12.86
C ASP B 56 -7.51 12.44 -11.67
N PRO B 57 -8.05 11.24 -11.93
CA PRO B 57 -8.51 10.39 -10.82
C PRO B 57 -7.40 9.99 -9.87
N ASN B 58 -6.19 9.80 -10.38
CA ASN B 58 -5.06 9.52 -9.49
CA ASN B 58 -5.06 9.52 -9.49
C ASN B 58 -4.82 10.70 -8.56
N PHE B 59 -4.91 11.93 -9.08
CA PHE B 59 -4.72 13.11 -8.26
C PHE B 59 -5.79 13.21 -7.18
N VAL B 60 -7.04 12.87 -7.54
CA VAL B 60 -8.12 12.89 -6.54
C VAL B 60 -7.78 11.94 -5.40
N ARG B 61 -7.34 10.72 -5.72
CA ARG B 61 -6.96 9.79 -4.67
C ARG B 61 -5.77 10.30 -3.86
N THR B 62 -4.73 10.78 -4.55
N THR B 62 -4.74 10.83 -4.53
CA THR B 62 -3.55 11.31 -3.85
CA THR B 62 -3.56 11.27 -3.79
C THR B 62 -3.95 12.43 -2.90
C THR B 62 -3.85 12.49 -2.95
N PHE B 63 -4.74 13.38 -3.41
CA PHE B 63 -5.13 14.53 -2.61
C PHE B 63 -5.98 14.10 -1.42
N LEU B 64 -7.02 13.30 -1.66
CA LEU B 64 -7.89 12.92 -0.54
C LEU B 64 -7.17 12.04 0.48
N THR B 65 -6.12 11.32 0.06
CA THR B 65 -5.37 10.51 1.01
C THR B 65 -4.48 11.36 1.91
N THR B 66 -3.94 12.47 1.38
CA THR B 66 -2.85 13.16 2.05
C THR B 66 -3.13 14.59 2.48
N TYR B 67 -4.30 15.14 2.16
CA TYR B 67 -4.45 16.60 2.29
C TYR B 67 -4.42 17.08 3.74
N ARG B 68 -4.64 16.19 4.72
CA ARG B 68 -4.80 16.68 6.07
C ARG B 68 -3.49 17.20 6.66
N SER B 69 -2.35 16.89 6.03
CA SER B 69 -1.06 17.47 6.39
C SER B 69 -0.94 18.94 6.00
N PHE B 70 -1.86 19.47 5.19
CA PHE B 70 -1.79 20.89 4.84
C PHE B 70 -3.13 21.63 4.84
N CYS B 71 -4.25 20.95 5.07
CA CYS B 71 -5.56 21.59 5.04
C CYS B 71 -6.49 20.82 5.95
N LYS B 72 -7.26 21.53 6.81
CA LYS B 72 -8.17 20.79 7.67
C LYS B 72 -9.40 20.31 6.88
N PRO B 73 -10.01 19.19 7.28
CA PRO B 73 -11.24 18.75 6.58
C PRO B 73 -12.30 19.84 6.44
N GLN B 74 -12.56 20.60 7.51
CA GLN B 74 -13.58 21.65 7.43
C GLN B 74 -13.20 22.69 6.40
N GLU B 75 -11.91 23.01 6.29
CA GLU B 75 -11.48 24.03 5.35
C GLU B 75 -11.52 23.50 3.92
N LEU B 76 -11.18 22.21 3.73
CA LEU B 76 -11.31 21.62 2.40
C LEU B 76 -12.75 21.71 1.90
N LEU B 77 -13.72 21.36 2.75
CA LEU B 77 -15.11 21.44 2.29
C LEU B 77 -15.49 22.86 1.92
N SER B 78 -15.09 23.84 2.74
CA SER B 78 -15.36 25.23 2.39
C SER B 78 -14.75 25.59 1.04
N LEU B 79 -13.53 25.14 0.79
CA LEU B 79 -12.87 25.49 -0.46
C LEU B 79 -13.53 24.83 -1.66
N ILE B 80 -13.99 23.58 -1.53
CA ILE B 80 -14.57 22.99 -2.73
C ILE B 80 -15.98 23.53 -2.96
N ILE B 81 -16.68 23.95 -1.90
CA ILE B 81 -17.95 24.65 -2.11
C ILE B 81 -17.70 25.97 -2.82
N GLU B 82 -16.67 26.70 -2.41
CA GLU B 82 -16.30 27.93 -3.10
C GLU B 82 -15.96 27.66 -4.57
N ARG B 83 -15.25 26.56 -4.82
CA ARG B 83 -14.90 26.18 -6.19
C ARG B 83 -16.16 25.93 -7.02
N PHE B 84 -17.18 25.31 -6.40
CA PHE B 84 -18.41 24.91 -7.09
C PHE B 84 -19.23 26.11 -7.55
N GLU B 85 -19.18 27.21 -6.80
CA GLU B 85 -20.10 28.34 -6.99
C GLU B 85 -19.48 29.32 -7.99
N ILE B 86 -19.62 28.98 -9.26
CA ILE B 86 -18.96 29.69 -10.36
C ILE B 86 -19.92 30.72 -10.93
N PRO B 87 -19.53 31.98 -11.02
CA PRO B 87 -20.43 32.99 -11.62
C PRO B 87 -20.51 32.82 -13.12
N GLU B 88 -21.72 33.09 -13.67
CA GLU B 88 -21.89 33.05 -15.13
C GLU B 88 -21.56 34.42 -15.71
N PRO B 89 -21.04 34.46 -16.93
CA PRO B 89 -20.70 35.74 -17.55
C PRO B 89 -21.95 36.52 -17.96
N GLU B 90 -21.81 37.83 -18.06
CA GLU B 90 -22.88 38.70 -18.52
C GLU B 90 -23.07 38.58 -20.03
N PRO B 91 -24.24 38.98 -20.54
CA PRO B 91 -24.46 38.94 -22.00
C PRO B 91 -23.41 39.74 -22.75
N THR B 92 -23.04 39.24 -23.93
CA THR B 92 -22.07 39.92 -24.79
C THR B 92 -22.75 40.99 -25.62
N GLU B 93 -21.93 41.75 -26.35
CA GLU B 93 -22.46 42.82 -27.20
C GLU B 93 -23.45 42.27 -28.22
N ALA B 94 -23.14 41.12 -28.84
CA ALA B 94 -24.09 40.55 -29.80
C ALA B 94 -25.40 40.16 -29.12
N ASP B 95 -25.32 39.61 -27.89
CA ASP B 95 -26.53 39.28 -27.15
C ASP B 95 -27.32 40.54 -26.81
N ARG B 96 -26.63 41.59 -26.39
CA ARG B 96 -27.28 42.85 -26.05
C ARG B 96 -28.06 43.41 -27.24
N ILE B 97 -27.43 43.41 -28.42
CA ILE B 97 -28.08 43.94 -29.60
C ILE B 97 -29.30 43.11 -29.97
N ALA B 98 -29.21 41.79 -29.84
CA ALA B 98 -30.38 40.95 -30.11
C ALA B 98 -31.52 41.29 -29.16
N ILE B 99 -31.21 41.40 -27.86
CA ILE B 99 -32.24 41.69 -26.86
C ILE B 99 -32.87 43.05 -27.13
N GLU B 100 -32.07 44.03 -27.55
CA GLU B 100 -32.61 45.36 -27.82
C GLU B 100 -33.56 45.36 -29.00
N ASN B 101 -33.48 44.35 -29.86
CA ASN B 101 -34.39 44.20 -30.99
C ASN B 101 -35.53 43.24 -30.69
N GLY B 102 -35.69 42.83 -29.44
CA GLY B 102 -36.74 41.90 -29.05
C GLY B 102 -36.51 40.46 -29.46
N ASP B 103 -35.30 40.12 -29.89
CA ASP B 103 -34.98 38.77 -30.33
C ASP B 103 -34.31 37.98 -29.22
N GLN B 104 -34.32 36.66 -29.36
CA GLN B 104 -33.62 35.81 -28.40
C GLN B 104 -32.13 35.83 -28.71
N PRO B 105 -31.28 36.11 -27.72
CA PRO B 105 -29.83 36.10 -27.98
C PRO B 105 -29.34 34.68 -28.22
N LEU B 106 -28.26 34.58 -28.99
CA LEU B 106 -27.63 33.30 -29.21
C LEU B 106 -26.91 32.80 -27.97
N SER B 107 -26.39 33.74 -27.15
CA SER B 107 -25.69 33.41 -25.91
C SER B 107 -24.58 32.39 -26.14
N ALA B 108 -23.85 32.54 -27.25
CA ALA B 108 -22.86 31.54 -27.61
C ALA B 108 -21.77 31.42 -26.54
N GLU B 109 -21.28 32.56 -26.06
CA GLU B 109 -20.19 32.53 -25.08
C GLU B 109 -20.67 31.97 -23.75
N LEU B 110 -21.88 32.33 -23.33
CA LEU B 110 -22.45 31.80 -22.10
C LEU B 110 -22.66 30.29 -22.19
N LYS B 111 -23.23 29.81 -23.31
CA LYS B 111 -23.45 28.38 -23.46
C LYS B 111 -22.13 27.62 -23.47
N ARG B 112 -21.10 28.16 -24.12
CA ARG B 112 -19.80 27.50 -24.13
C ARG B 112 -19.20 27.46 -22.73
N PHE B 113 -19.29 28.57 -21.99
CA PHE B 113 -18.73 28.59 -20.64
C PHE B 113 -19.45 27.59 -19.73
N ARG B 114 -20.78 27.47 -19.86
CA ARG B 114 -21.51 26.47 -19.09
C ARG B 114 -21.05 25.06 -19.44
N LYS B 115 -20.90 24.79 -20.75
CA LYS B 115 -20.63 23.43 -21.21
C LYS B 115 -19.19 23.03 -20.95
N GLU B 116 -18.25 23.97 -21.10
CA GLU B 116 -16.83 23.65 -21.08
C GLU B 116 -16.11 24.09 -19.83
N TYR B 117 -16.71 24.96 -19.01
CA TYR B 117 -16.11 25.32 -17.72
C TYR B 117 -16.98 24.93 -16.54
N ILE B 118 -18.20 25.46 -16.44
CA ILE B 118 -18.99 25.25 -15.22
C ILE B 118 -19.33 23.78 -15.05
N GLN B 119 -19.90 23.15 -16.07
CA GLN B 119 -20.34 21.77 -15.89
C GLN B 119 -19.18 20.82 -15.60
N PRO B 120 -18.03 20.89 -16.29
CA PRO B 120 -16.93 19.99 -15.90
C PRO B 120 -16.37 20.27 -14.52
N VAL B 121 -16.19 21.54 -14.15
CA VAL B 121 -15.66 21.84 -12.82
C VAL B 121 -16.63 21.37 -11.75
N GLN B 122 -17.92 21.66 -11.93
CA GLN B 122 -18.90 21.26 -10.92
C GLN B 122 -18.98 19.75 -10.81
N LEU B 123 -18.96 19.04 -11.94
CA LEU B 123 -18.99 17.59 -11.87
C LEU B 123 -17.74 17.07 -11.19
N ARG B 124 -16.60 17.70 -11.43
CA ARG B 124 -15.38 17.20 -10.81
C ARG B 124 -15.33 17.55 -9.32
N VAL B 125 -15.94 18.67 -8.91
CA VAL B 125 -16.15 18.90 -7.48
C VAL B 125 -17.00 17.78 -6.87
N LEU B 126 -18.09 17.41 -7.54
CA LEU B 126 -18.93 16.35 -7.02
C LEU B 126 -18.17 15.03 -6.98
N ASN B 127 -17.26 14.81 -7.93
CA ASN B 127 -16.48 13.57 -7.91
C ASN B 127 -15.54 13.56 -6.72
N VAL B 128 -14.98 14.72 -6.35
CA VAL B 128 -14.20 14.79 -5.12
C VAL B 128 -15.07 14.44 -3.92
N CYS B 129 -16.28 15.01 -3.85
CA CYS B 129 -17.19 14.68 -2.76
C CYS B 129 -17.52 13.20 -2.73
N ARG B 130 -17.80 12.63 -3.89
CA ARG B 130 -18.14 11.21 -3.97
C ARG B 130 -16.99 10.33 -3.50
N HIS B 131 -15.77 10.62 -3.97
CA HIS B 131 -14.61 9.85 -3.53
C HIS B 131 -14.34 10.07 -2.05
N TRP B 132 -14.55 11.30 -1.57
CA TRP B 132 -14.32 11.61 -0.16
C TRP B 132 -15.23 10.76 0.72
N VAL B 133 -16.52 10.71 0.37
CA VAL B 133 -17.47 9.94 1.17
C VAL B 133 -17.22 8.44 1.01
N GLU B 134 -16.91 7.99 -0.20
CA GLU B 134 -16.83 6.54 -0.42
C GLU B 134 -15.56 5.93 0.15
N HIS B 135 -14.44 6.64 0.07
CA HIS B 135 -13.14 6.05 0.35
C HIS B 135 -12.40 6.71 1.49
N HIS B 136 -12.89 7.85 2.00
CA HIS B 136 -12.23 8.54 3.10
C HIS B 136 -13.26 8.99 4.11
N PHE B 137 -14.25 8.14 4.37
CA PHE B 137 -15.37 8.50 5.21
C PHE B 137 -14.98 8.75 6.65
N TYR B 138 -13.78 8.34 7.07
CA TYR B 138 -13.38 8.55 8.46
C TYR B 138 -13.41 10.02 8.85
N ASP B 139 -13.22 10.94 7.89
CA ASP B 139 -13.31 12.35 8.25
C ASP B 139 -14.68 12.67 8.81
N PHE B 140 -15.72 12.07 8.23
CA PHE B 140 -17.09 12.33 8.65
C PHE B 140 -17.46 11.50 9.89
N GLU B 141 -16.87 10.31 10.06
CA GLU B 141 -17.09 9.56 11.28
C GLU B 141 -16.54 10.28 12.49
N ARG B 142 -15.44 11.01 12.30
CA ARG B 142 -14.75 11.68 13.39
C ARG B 142 -15.25 13.10 13.62
N ASP B 143 -16.07 13.64 12.71
CA ASP B 143 -16.56 15.01 12.83
C ASP B 143 -17.98 15.03 12.27
N ALA B 144 -18.96 14.87 13.17
CA ALA B 144 -20.36 14.82 12.75
C ALA B 144 -20.79 16.11 12.08
N TYR B 145 -20.24 17.25 12.49
CA TYR B 145 -20.63 18.51 11.88
C TYR B 145 -20.12 18.62 10.45
N LEU B 146 -18.93 18.08 10.18
CA LEU B 146 -18.47 18.01 8.79
C LEU B 146 -19.46 17.24 7.93
N LEU B 147 -19.99 16.13 8.45
CA LEU B 147 -20.96 15.35 7.69
C LEU B 147 -22.25 16.14 7.46
N GLN B 148 -22.73 16.83 8.48
CA GLN B 148 -23.91 17.68 8.29
C GLN B 148 -23.67 18.70 7.18
N ARG B 149 -22.49 19.33 7.16
CA ARG B 149 -22.21 20.31 6.12
C ARG B 149 -22.19 19.67 4.74
N MET B 150 -21.60 18.49 4.62
CA MET B 150 -21.59 17.81 3.33
C MET B 150 -23.00 17.45 2.89
N GLU B 151 -23.80 16.90 3.81
CA GLU B 151 -25.18 16.55 3.46
C GLU B 151 -25.95 17.77 2.99
N GLU B 152 -25.77 18.92 3.65
N GLU B 152 -25.78 18.91 3.68
CA GLU B 152 -26.50 20.14 3.30
CA GLU B 152 -26.49 20.13 3.30
C GLU B 152 -26.02 20.75 1.99
C GLU B 152 -26.04 20.62 1.94
N PHE B 153 -24.72 20.63 1.69
CA PHE B 153 -24.21 21.09 0.40
C PHE B 153 -24.78 20.24 -0.74
N ILE B 154 -24.61 18.92 -0.65
CA ILE B 154 -25.08 18.05 -1.71
C ILE B 154 -26.60 18.15 -1.87
N GLY B 155 -27.31 18.18 -0.75
CA GLY B 155 -28.76 18.18 -0.79
C GLY B 155 -29.39 19.48 -1.25
N THR B 156 -28.60 20.54 -1.44
CA THR B 156 -29.13 21.81 -1.93
C THR B 156 -28.55 22.23 -3.27
N VAL B 157 -27.83 21.35 -3.97
CA VAL B 157 -27.42 21.64 -5.35
C VAL B 157 -28.64 21.59 -6.24
N ARG B 158 -28.89 22.67 -6.98
CA ARG B 158 -30.05 22.80 -7.85
C ARG B 158 -29.66 22.56 -9.30
N GLY B 159 -30.67 22.39 -10.15
CA GLY B 159 -30.36 22.34 -11.57
C GLY B 159 -30.18 20.95 -12.10
N LYS B 160 -30.65 20.73 -13.32
CA LYS B 160 -30.81 19.37 -13.83
C LYS B 160 -29.49 18.73 -14.24
N ALA B 161 -28.47 19.51 -14.58
CA ALA B 161 -27.25 18.90 -15.14
C ALA B 161 -26.57 18.02 -14.09
N MET B 162 -26.61 18.41 -12.82
CA MET B 162 -25.96 17.66 -11.75
C MET B 162 -26.92 16.72 -11.01
N LYS B 163 -28.21 16.74 -11.35
CA LYS B 163 -29.24 16.09 -10.53
C LYS B 163 -28.96 14.61 -10.29
N LYS B 164 -28.57 13.87 -11.34
CA LYS B 164 -28.37 12.44 -11.17
C LYS B 164 -27.29 12.15 -10.15
N TRP B 165 -26.20 12.90 -10.19
CA TRP B 165 -25.10 12.63 -9.26
C TRP B 165 -25.39 13.17 -7.87
N VAL B 166 -26.12 14.29 -7.76
CA VAL B 166 -26.52 14.81 -6.46
C VAL B 166 -27.41 13.81 -5.75
N GLU B 167 -28.42 13.29 -6.43
CA GLU B 167 -29.31 12.33 -5.80
C GLU B 167 -28.57 11.05 -5.43
N SER B 168 -27.63 10.62 -6.28
CA SER B 168 -26.84 9.43 -5.98
C SER B 168 -25.95 9.65 -4.77
N ILE B 169 -25.26 10.80 -4.72
CA ILE B 169 -24.33 11.02 -3.61
C ILE B 169 -25.09 11.13 -2.28
N THR B 170 -26.29 11.72 -2.30
CA THR B 170 -27.12 11.75 -1.10
C THR B 170 -27.40 10.33 -0.61
N LYS B 171 -27.75 9.42 -1.52
CA LYS B 171 -28.03 8.04 -1.12
C LYS B 171 -26.76 7.34 -0.63
N ILE B 172 -25.62 7.59 -1.29
CA ILE B 172 -24.37 6.97 -0.87
C ILE B 172 -24.01 7.39 0.55
N ILE B 173 -24.15 8.69 0.86
CA ILE B 173 -23.88 9.16 2.21
C ILE B 173 -24.78 8.45 3.22
N GLN B 174 -26.08 8.35 2.92
CA GLN B 174 -26.98 7.71 3.87
C GLN B 174 -26.61 6.25 4.07
N ARG B 175 -26.19 5.57 3.00
N ARG B 175 -26.16 5.57 3.02
CA ARG B 175 -25.73 4.19 3.11
CA ARG B 175 -25.75 4.17 3.16
C ARG B 175 -24.49 4.10 3.99
C ARG B 175 -24.46 4.05 3.97
N LYS B 176 -23.51 4.96 3.75
CA LYS B 176 -22.26 4.93 4.52
C LYS B 176 -22.50 5.15 6.00
N LYS B 177 -23.57 5.89 6.35
CA LYS B 177 -23.84 6.18 7.75
C LYS B 177 -24.24 4.93 8.52
N ILE B 178 -24.98 4.00 7.90
CA ILE B 178 -25.45 2.82 8.60
C ILE B 178 -24.65 1.58 8.25
N ALA B 179 -23.51 1.73 7.57
CA ALA B 179 -22.68 0.59 7.20
C ALA B 179 -21.56 0.38 8.22
N ASN B 187 -19.22 -9.67 -0.03
CA ASN B 187 -19.76 -10.78 -0.80
C ASN B 187 -18.89 -11.07 -2.02
N ILE B 188 -18.31 -12.26 -2.08
CA ILE B 188 -17.25 -12.60 -3.03
C ILE B 188 -17.73 -13.73 -3.93
N THR B 189 -17.43 -13.63 -5.23
CA THR B 189 -17.73 -14.68 -6.18
C THR B 189 -16.46 -15.16 -6.87
N PHE B 190 -16.28 -16.47 -6.93
CA PHE B 190 -15.25 -17.12 -7.73
C PHE B 190 -15.93 -18.06 -8.71
N GLN B 191 -15.25 -18.33 -9.82
CA GLN B 191 -15.77 -19.37 -10.71
C GLN B 191 -15.35 -20.76 -10.26
N SER B 192 -14.16 -20.88 -9.67
CA SER B 192 -13.67 -22.15 -9.16
C SER B 192 -14.08 -22.34 -7.70
N SER B 193 -14.23 -23.59 -7.31
CA SER B 193 -14.46 -23.92 -5.92
C SER B 193 -13.13 -23.93 -5.16
N PRO B 194 -13.13 -23.55 -3.88
CA PRO B 194 -11.92 -23.67 -3.09
C PRO B 194 -11.57 -25.12 -2.87
N PRO B 195 -10.30 -25.44 -2.64
CA PRO B 195 -9.92 -26.84 -2.40
C PRO B 195 -10.47 -27.34 -1.08
N THR B 196 -10.53 -28.67 -0.99
CA THR B 196 -11.05 -29.30 0.23
C THR B 196 -10.11 -29.06 1.40
N VAL B 197 -10.69 -28.80 2.57
CA VAL B 197 -9.90 -28.63 3.79
C VAL B 197 -9.20 -29.93 4.14
N GLU B 198 -7.91 -29.84 4.49
CA GLU B 198 -7.10 -31.02 4.77
C GLU B 198 -6.92 -31.24 6.26
N TRP B 199 -7.01 -32.49 6.68
CA TRP B 199 -6.88 -32.89 8.08
C TRP B 199 -5.79 -33.96 8.23
N HIS B 200 -5.15 -33.95 9.39
CA HIS B 200 -4.04 -34.84 9.71
C HIS B 200 -4.39 -35.61 10.99
N ILE B 201 -3.64 -35.41 12.07
CA ILE B 201 -3.91 -36.16 13.31
C ILE B 201 -5.13 -35.60 14.01
N SER B 202 -5.17 -34.28 14.20
CA SER B 202 -6.36 -33.64 14.76
C SER B 202 -7.51 -33.77 13.77
N ARG B 203 -8.67 -34.17 14.27
CA ARG B 203 -9.83 -34.33 13.40
C ARG B 203 -10.81 -33.18 13.61
N PRO B 204 -11.74 -32.97 12.66
CA PRO B 204 -12.67 -31.84 12.78
C PRO B 204 -13.37 -31.81 14.12
N GLY B 205 -13.43 -30.62 14.72
CA GLY B 205 -14.10 -30.43 15.99
C GLY B 205 -13.28 -30.75 17.22
N HIS B 206 -12.08 -31.27 17.08
CA HIS B 206 -11.26 -31.68 18.22
C HIS B 206 -10.17 -30.64 18.48
N ILE B 207 -10.66 -29.42 18.76
CA ILE B 207 -9.79 -28.26 18.90
C ILE B 207 -8.77 -28.44 20.01
N GLU B 208 -9.10 -29.26 21.02
CA GLU B 208 -8.19 -29.46 22.15
C GLU B 208 -6.89 -30.16 21.74
N THR B 209 -6.88 -30.87 20.61
CA THR B 209 -5.67 -31.53 20.14
C THR B 209 -4.89 -30.71 19.12
N PHE B 210 -5.43 -29.56 18.69
CA PHE B 210 -4.76 -28.75 17.66
C PHE B 210 -3.38 -28.31 18.14
N ASP B 211 -2.39 -28.44 17.25
CA ASP B 211 -1.01 -28.05 17.55
C ASP B 211 -0.25 -28.05 16.24
N LEU B 212 1.01 -27.62 16.32
CA LEU B 212 1.84 -27.48 15.14
C LEU B 212 1.94 -28.78 14.34
N LEU B 213 2.12 -29.91 15.03
CA LEU B 213 2.35 -31.17 14.33
C LEU B 213 1.09 -31.98 14.09
N THR B 214 -0.02 -31.63 14.73
CA THR B 214 -1.25 -32.42 14.62
C THR B 214 -2.24 -31.85 13.60
N LEU B 215 -2.23 -30.55 13.37
CA LEU B 215 -2.95 -30.00 12.23
C LEU B 215 -2.19 -30.35 10.96
N HIS B 216 -2.89 -30.35 9.84
CA HIS B 216 -2.22 -30.63 8.57
C HIS B 216 -1.39 -29.40 8.16
N PRO B 217 -0.12 -29.57 7.78
CA PRO B 217 0.68 -28.37 7.45
C PRO B 217 0.10 -27.57 6.29
N ILE B 218 -0.52 -28.23 5.30
CA ILE B 218 -1.19 -27.48 4.24
C ILE B 218 -2.25 -26.56 4.84
N GLU B 219 -3.05 -27.10 5.76
CA GLU B 219 -4.17 -26.34 6.29
C GLU B 219 -3.71 -25.28 7.28
N ILE B 220 -2.62 -25.54 8.00
CA ILE B 220 -2.02 -24.47 8.81
C ILE B 220 -1.69 -23.28 7.91
N ALA B 221 -0.99 -23.55 6.81
CA ALA B 221 -0.61 -22.44 5.93
C ALA B 221 -1.83 -21.77 5.30
N ARG B 222 -2.84 -22.54 4.90
CA ARG B 222 -4.03 -21.92 4.30
C ARG B 222 -4.76 -21.02 5.29
N GLN B 223 -4.96 -21.53 6.52
CA GLN B 223 -5.76 -20.77 7.48
C GLN B 223 -4.99 -19.55 7.98
N LEU B 224 -3.68 -19.67 8.17
CA LEU B 224 -2.87 -18.50 8.48
C LEU B 224 -2.88 -17.51 7.32
N THR B 225 -2.92 -17.99 6.08
CA THR B 225 -2.96 -17.06 4.95
C THR B 225 -4.28 -16.32 4.90
N LEU B 226 -5.41 -17.01 5.15
CA LEU B 226 -6.69 -16.31 5.21
C LEU B 226 -6.68 -15.27 6.33
N LEU B 227 -6.16 -15.64 7.51
CA LEU B 227 -6.09 -14.71 8.63
CA LEU B 227 -6.09 -14.71 8.63
C LEU B 227 -5.22 -13.51 8.29
N GLU B 228 -4.03 -13.76 7.74
CA GLU B 228 -3.08 -12.70 7.45
C GLU B 228 -3.54 -11.83 6.29
N SER B 229 -4.21 -12.44 5.31
CA SER B 229 -4.81 -11.66 4.23
C SER B 229 -5.89 -10.72 4.77
N ASP B 230 -6.78 -11.23 5.63
CA ASP B 230 -7.79 -10.37 6.23
C ASP B 230 -7.15 -9.22 7.02
N LEU B 231 -6.10 -9.51 7.79
CA LEU B 231 -5.44 -8.45 8.54
C LEU B 231 -4.80 -7.44 7.60
N TYR B 232 -4.17 -7.92 6.52
CA TYR B 232 -3.57 -7.00 5.55
C TYR B 232 -4.63 -6.10 4.91
N ARG B 233 -5.74 -6.70 4.49
CA ARG B 233 -6.78 -5.97 3.78
C ARG B 233 -7.50 -4.94 4.64
N ALA B 234 -7.41 -5.09 5.97
CA ALA B 234 -8.12 -4.18 6.87
C ALA B 234 -7.41 -2.86 7.11
N VAL B 235 -6.14 -2.72 6.71
CA VAL B 235 -5.37 -1.52 7.04
C VAL B 235 -5.75 -0.41 6.07
N GLN B 236 -6.23 0.72 6.61
CA GLN B 236 -6.63 1.88 5.81
C GLN B 236 -5.51 2.92 5.76
N PRO B 237 -5.48 3.75 4.72
CA PRO B 237 -4.43 4.78 4.63
C PRO B 237 -4.42 5.74 5.81
N SER B 238 -5.57 5.97 6.45
CA SER B 238 -5.64 6.81 7.62
C SER B 238 -4.74 6.32 8.74
N GLU B 239 -4.40 5.04 8.75
N GLU B 239 -4.38 5.04 8.75
CA GLU B 239 -3.50 4.49 9.76
CA GLU B 239 -3.48 4.52 9.76
C GLU B 239 -2.03 4.70 9.42
C GLU B 239 -2.02 4.75 9.44
N LEU B 240 -1.74 5.28 8.25
CA LEU B 240 -0.37 5.38 7.74
C LEU B 240 0.07 6.81 7.51
N VAL B 241 -0.78 7.65 6.92
CA VAL B 241 -0.36 9.00 6.60
C VAL B 241 -0.04 9.76 7.88
N GLY B 242 0.97 10.63 7.81
CA GLY B 242 1.42 11.32 9.01
C GLY B 242 2.24 10.47 9.95
N SER B 243 2.63 9.27 9.52
CA SER B 243 3.43 8.33 10.31
C SER B 243 2.80 8.03 11.66
N VAL B 244 1.46 7.99 11.71
CA VAL B 244 0.77 7.99 12.99
C VAL B 244 0.94 6.69 13.74
N TRP B 245 1.35 5.60 13.09
CA TRP B 245 1.55 4.34 13.79
C TRP B 245 2.81 4.34 14.65
N THR B 246 3.66 5.37 14.51
CA THR B 246 4.87 5.53 15.31
C THR B 246 4.70 6.52 16.45
N LYS B 247 3.57 7.22 16.51
CA LYS B 247 3.39 8.34 17.42
C LYS B 247 2.66 7.90 18.69
N GLU B 248 2.51 8.83 19.64
CA GLU B 248 2.02 8.46 20.97
C GLU B 248 0.61 7.90 20.92
N ASP B 249 -0.22 8.34 19.96
CA ASP B 249 -1.60 7.88 19.84
C ASP B 249 -1.75 6.74 18.84
N LYS B 250 -0.67 5.97 18.59
CA LYS B 250 -0.72 4.90 17.59
C LYS B 250 -1.84 3.89 17.86
N GLU B 251 -2.17 3.61 19.12
CA GLU B 251 -3.21 2.62 19.36
C GLU B 251 -4.57 3.14 18.95
N ILE B 252 -4.75 4.46 18.97
CA ILE B 252 -5.99 5.07 18.53
C ILE B 252 -6.03 5.17 17.02
N ASN B 253 -4.92 5.59 16.41
CA ASN B 253 -4.95 5.93 15.00
C ASN B 253 -4.60 4.77 14.08
N SER B 254 -3.90 3.74 14.56
CA SER B 254 -3.46 2.64 13.69
C SER B 254 -3.81 1.25 14.24
N PRO B 255 -5.05 1.05 14.69
CA PRO B 255 -5.35 -0.23 15.37
C PRO B 255 -5.31 -1.44 14.45
N ASN B 256 -5.75 -1.33 13.19
CA ASN B 256 -5.70 -2.49 12.32
C ASN B 256 -4.26 -2.83 11.94
N LEU B 257 -3.45 -1.81 11.66
CA LEU B 257 -2.05 -2.08 11.38
C LEU B 257 -1.38 -2.77 12.56
N LEU B 258 -1.59 -2.23 13.77
CA LEU B 258 -0.94 -2.84 14.93
C LEU B 258 -1.42 -4.26 15.18
N LYS B 259 -2.72 -4.53 14.95
N LYS B 259 -2.72 -4.52 14.96
CA LYS B 259 -3.21 -5.90 15.10
CA LYS B 259 -3.22 -5.89 15.09
C LYS B 259 -2.52 -6.82 14.11
C LYS B 259 -2.52 -6.82 14.11
N MET B 260 -2.30 -6.35 12.89
CA MET B 260 -1.62 -7.13 11.87
CA MET B 260 -1.62 -7.15 11.88
C MET B 260 -0.18 -7.44 12.30
N ILE B 261 0.55 -6.41 12.75
CA ILE B 261 1.94 -6.62 13.15
C ILE B 261 2.02 -7.54 14.35
N ARG B 262 1.11 -7.36 15.31
CA ARG B 262 1.17 -8.18 16.52
C ARG B 262 0.85 -9.64 16.22
N HIS B 263 -0.03 -9.90 15.25
CA HIS B 263 -0.22 -11.27 14.80
C HIS B 263 1.08 -11.86 14.26
N THR B 264 1.74 -11.11 13.38
CA THR B 264 3.01 -11.56 12.78
C THR B 264 4.03 -11.85 13.87
N THR B 265 4.15 -10.95 14.84
CA THR B 265 5.10 -11.15 15.92
C THR B 265 4.75 -12.38 16.73
N ASN B 266 3.48 -12.54 17.07
CA ASN B 266 3.06 -13.69 17.88
C ASN B 266 3.32 -15.01 17.16
N LEU B 267 3.06 -15.07 15.86
CA LEU B 267 3.31 -16.32 15.13
C LEU B 267 4.80 -16.62 15.07
N THR B 268 5.63 -15.61 14.84
CA THR B 268 7.07 -15.83 14.85
C THR B 268 7.52 -16.40 16.19
N LEU B 269 7.05 -15.79 17.28
CA LEU B 269 7.42 -16.26 18.61
C LEU B 269 6.87 -17.65 18.89
N TRP B 270 5.68 -17.97 18.36
CA TRP B 270 5.16 -19.33 18.53
C TRP B 270 6.04 -20.36 17.84
N PHE B 271 6.49 -20.04 16.62
CA PHE B 271 7.42 -20.94 15.94
C PHE B 271 8.68 -21.16 16.76
N GLU B 272 9.26 -20.06 17.28
CA GLU B 272 10.46 -20.20 18.12
C GLU B 272 10.18 -21.05 19.34
N LYS B 273 9.04 -20.81 19.99
CA LYS B 273 8.69 -21.57 21.20
C LYS B 273 8.49 -23.05 20.90
N CYS B 274 7.78 -23.37 19.80
CA CYS B 274 7.62 -24.78 19.43
C CYS B 274 8.97 -25.45 19.25
N ILE B 275 9.94 -24.73 18.69
CA ILE B 275 11.25 -25.31 18.40
C ILE B 275 12.02 -25.55 19.70
N VAL B 276 12.22 -24.49 20.49
CA VAL B 276 13.12 -24.61 21.63
C VAL B 276 12.51 -25.35 22.81
N GLU B 277 11.18 -25.46 22.87
CA GLU B 277 10.57 -26.29 23.92
C GLU B 277 10.50 -27.76 23.53
N THR B 278 10.96 -28.12 22.35
CA THR B 278 11.06 -29.52 21.93
C THR B 278 12.51 -29.91 22.21
N GLU B 279 12.74 -30.49 23.39
CA GLU B 279 14.12 -30.70 23.84
C GLU B 279 14.78 -31.90 23.18
N ASN B 280 14.02 -32.93 22.83
CA ASN B 280 14.58 -34.08 22.13
C ASN B 280 15.02 -33.67 20.71
N LEU B 281 16.26 -34.01 20.35
CA LEU B 281 16.81 -33.56 19.06
C LEU B 281 15.99 -34.08 17.88
N GLU B 282 15.71 -35.39 17.86
CA GLU B 282 14.93 -35.97 16.76
C GLU B 282 13.57 -35.28 16.63
N GLU B 283 12.88 -35.06 17.74
CA GLU B 283 11.59 -34.40 17.69
C GLU B 283 11.72 -32.97 17.20
N ARG B 284 12.79 -32.28 17.62
CA ARG B 284 12.96 -30.88 17.24
C ARG B 284 13.24 -30.74 15.75
N VAL B 285 13.97 -31.71 15.19
CA VAL B 285 14.17 -31.75 13.74
C VAL B 285 12.83 -31.88 13.03
N ALA B 286 11.93 -32.74 13.55
CA ALA B 286 10.59 -32.89 12.97
C ALA B 286 9.82 -31.57 13.04
N VAL B 287 9.94 -30.86 14.16
CA VAL B 287 9.27 -29.57 14.31
C VAL B 287 9.78 -28.56 13.30
N VAL B 288 11.12 -28.44 13.19
CA VAL B 288 11.68 -27.47 12.25
C VAL B 288 11.32 -27.85 10.81
N SER B 289 11.41 -29.14 10.48
N SER B 289 11.42 -29.14 10.48
CA SER B 289 11.04 -29.60 9.15
CA SER B 289 11.03 -29.58 9.14
C SER B 289 9.58 -29.26 8.83
C SER B 289 9.58 -29.23 8.83
N ARG B 290 8.69 -29.38 9.81
CA ARG B 290 7.29 -29.06 9.59
C ARG B 290 7.11 -27.57 9.34
N ILE B 291 7.87 -26.73 10.07
CA ILE B 291 7.76 -25.29 9.87
C ILE B 291 8.26 -24.90 8.48
N ILE B 292 9.32 -25.55 8.00
CA ILE B 292 9.79 -25.26 6.63
C ILE B 292 8.78 -25.74 5.59
N GLU B 293 8.07 -26.84 5.86
CA GLU B 293 6.97 -27.24 4.97
C GLU B 293 5.88 -26.17 4.93
N ILE B 294 5.52 -25.61 6.09
CA ILE B 294 4.54 -24.54 6.13
C ILE B 294 5.06 -23.36 5.32
N LEU B 295 6.35 -23.05 5.44
N LEU B 295 6.34 -23.04 5.47
CA LEU B 295 6.93 -21.97 4.64
CA LEU B 295 6.97 -22.00 4.65
C LEU B 295 6.79 -22.26 3.15
C LEU B 295 6.73 -22.27 3.16
N GLN B 296 6.99 -23.51 2.74
CA GLN B 296 6.82 -23.87 1.33
C GLN B 296 5.40 -23.59 0.85
N VAL B 297 4.40 -23.88 1.68
CA VAL B 297 3.02 -23.61 1.26
C VAL B 297 2.75 -22.11 1.26
N PHE B 298 3.28 -21.38 2.24
CA PHE B 298 3.19 -19.91 2.19
C PHE B 298 3.72 -19.36 0.87
N GLN B 299 4.88 -19.87 0.44
CA GLN B 299 5.45 -19.45 -0.85
C GLN B 299 4.50 -19.76 -2.00
N GLU B 300 3.91 -20.95 -2.00
CA GLU B 300 2.99 -21.33 -3.08
C GLU B 300 1.78 -20.43 -3.12
N LEU B 301 1.33 -19.96 -1.95
CA LEU B 301 0.18 -19.07 -1.82
C LEU B 301 0.52 -17.60 -1.98
N ASN B 302 1.79 -17.26 -2.22
CA ASN B 302 2.23 -15.86 -2.27
C ASN B 302 1.94 -15.14 -0.96
N ASN B 303 2.00 -15.85 0.18
CA ASN B 303 1.84 -15.19 1.47
C ASN B 303 3.24 -14.79 1.93
N PHE B 304 3.69 -13.62 1.50
CA PHE B 304 5.04 -13.20 1.85
C PHE B 304 5.16 -12.83 3.32
N ASN B 305 4.09 -12.30 3.93
CA ASN B 305 4.13 -12.09 5.37
C ASN B 305 4.43 -13.40 6.08
N GLY B 306 3.75 -14.47 5.68
CA GLY B 306 3.97 -15.78 6.29
C GLY B 306 5.37 -16.30 6.03
N VAL B 307 5.88 -16.15 4.81
CA VAL B 307 7.26 -16.54 4.52
C VAL B 307 8.21 -15.86 5.51
N LEU B 308 8.06 -14.55 5.70
CA LEU B 308 9.01 -13.85 6.55
C LEU B 308 8.77 -14.12 8.03
N GLU B 309 7.54 -14.47 8.42
CA GLU B 309 7.32 -14.95 9.79
C GLU B 309 8.20 -16.14 10.11
N VAL B 310 8.31 -17.07 9.16
CA VAL B 310 9.13 -18.26 9.35
C VAL B 310 10.60 -17.89 9.30
N VAL B 311 11.00 -17.11 8.30
CA VAL B 311 12.39 -16.72 8.18
C VAL B 311 12.85 -15.97 9.43
N SER B 312 12.01 -15.07 9.97
CA SER B 312 12.35 -14.34 11.18
C SER B 312 12.57 -15.29 12.34
N ALA B 313 11.71 -16.32 12.45
CA ALA B 313 11.88 -17.28 13.55
C ALA B 313 13.18 -18.06 13.41
N MET B 314 13.51 -18.51 12.20
CA MET B 314 14.71 -19.31 12.02
C MET B 314 15.98 -18.50 12.22
N ASN B 315 15.91 -17.18 12.00
CA ASN B 315 17.06 -16.32 12.20
C ASN B 315 17.07 -15.66 13.57
N SER B 316 16.12 -16.01 14.44
CA SER B 316 16.14 -15.47 15.80
C SER B 316 17.33 -16.05 16.55
N SER B 317 17.80 -15.31 17.57
CA SER B 317 18.94 -15.80 18.34
CA SER B 317 18.96 -15.81 18.30
C SER B 317 18.71 -17.18 18.94
N PRO B 318 17.53 -17.53 19.49
CA PRO B 318 17.40 -18.88 20.06
C PRO B 318 17.46 -19.99 19.04
N VAL B 319 17.00 -19.77 17.81
CA VAL B 319 16.92 -20.86 16.85
C VAL B 319 18.17 -20.94 15.98
N TYR B 320 18.68 -19.77 15.58
CA TYR B 320 19.78 -19.72 14.62
C TYR B 320 20.99 -20.50 15.10
N ARG B 321 21.19 -20.54 16.41
CA ARG B 321 22.38 -21.18 16.98
C ARG B 321 22.25 -22.69 17.12
N LEU B 322 21.14 -23.30 16.72
CA LEU B 322 20.90 -24.73 16.95
C LEU B 322 21.52 -25.57 15.83
N ASP B 323 22.86 -25.58 15.82
CA ASP B 323 23.61 -26.23 14.73
C ASP B 323 23.32 -27.73 14.64
N HIS B 324 23.10 -28.41 15.78
CA HIS B 324 22.82 -29.85 15.71
C HIS B 324 21.48 -30.12 15.03
N THR B 325 20.52 -29.21 15.19
CA THR B 325 19.24 -29.37 14.52
C THR B 325 19.38 -29.09 13.02
N PHE B 326 20.05 -27.99 12.68
CA PHE B 326 20.29 -27.63 11.28
C PHE B 326 20.99 -28.76 10.53
N GLU B 327 21.94 -29.41 11.18
CA GLU B 327 22.69 -30.47 10.51
C GLU B 327 21.79 -31.61 10.02
N GLN B 328 20.71 -31.89 10.72
N GLN B 328 20.71 -31.88 10.74
CA GLN B 328 19.85 -33.02 10.35
CA GLN B 328 19.81 -32.99 10.43
C GLN B 328 18.67 -32.61 9.47
C GLN B 328 18.73 -32.61 9.43
N ILE B 329 18.54 -31.34 9.15
CA ILE B 329 17.47 -30.92 8.23
C ILE B 329 17.82 -31.37 6.81
N PRO B 330 16.90 -32.00 6.08
CA PRO B 330 17.21 -32.43 4.71
C PRO B 330 17.72 -31.28 3.84
N SER B 331 18.63 -31.62 2.93
CA SER B 331 19.26 -30.61 2.09
CA SER B 331 19.26 -30.61 2.09
C SER B 331 18.22 -29.80 1.32
N ARG B 332 17.18 -30.46 0.81
CA ARG B 332 16.19 -29.73 0.02
C ARG B 332 15.45 -28.71 0.87
N GLN B 333 15.31 -28.96 2.17
CA GLN B 333 14.65 -27.99 3.04
C GLN B 333 15.59 -26.88 3.45
N LYS B 334 16.87 -27.19 3.65
CA LYS B 334 17.86 -26.14 3.82
C LYS B 334 17.80 -25.17 2.65
N LYS B 335 17.64 -25.70 1.44
CA LYS B 335 17.62 -24.85 0.26
C LYS B 335 16.37 -23.97 0.22
N ILE B 336 15.22 -24.55 0.59
CA ILE B 336 13.98 -23.77 0.65
C ILE B 336 14.13 -22.60 1.62
N LEU B 337 14.68 -22.87 2.80
CA LEU B 337 14.83 -21.80 3.79
C LEU B 337 15.83 -20.76 3.32
N GLU B 338 16.96 -21.19 2.74
CA GLU B 338 17.97 -20.25 2.27
C GLU B 338 17.42 -19.35 1.17
N GLU B 339 16.69 -19.92 0.21
CA GLU B 339 16.14 -19.11 -0.87
C GLU B 339 15.09 -18.14 -0.35
N ALA B 340 14.31 -18.55 0.65
CA ALA B 340 13.36 -17.64 1.30
C ALA B 340 14.10 -16.50 1.99
N HIS B 341 15.18 -16.83 2.69
CA HIS B 341 15.96 -15.78 3.34
C HIS B 341 16.58 -14.83 2.32
N GLU B 342 16.97 -15.34 1.15
CA GLU B 342 17.55 -14.49 0.13
C GLU B 342 16.59 -13.39 -0.33
N LEU B 343 15.28 -13.58 -0.17
CA LEU B 343 14.34 -12.51 -0.51
C LEU B 343 14.61 -11.24 0.28
N SER B 344 15.09 -11.38 1.53
CA SER B 344 15.27 -10.22 2.38
CA SER B 344 15.29 -10.24 2.42
C SER B 344 16.64 -9.57 2.22
N GLU B 345 17.59 -10.28 1.62
CA GLU B 345 18.95 -9.76 1.49
C GLU B 345 18.97 -8.49 0.64
N ASP B 346 20.01 -7.69 0.84
CA ASP B 346 20.25 -6.49 0.01
C ASP B 346 19.03 -5.58 0.02
N HIS B 347 18.49 -5.31 1.22
CA HIS B 347 17.36 -4.41 1.39
C HIS B 347 16.15 -4.90 0.59
N TYR B 348 15.87 -6.20 0.71
CA TYR B 348 14.68 -6.83 0.14
C TYR B 348 14.65 -6.79 -1.39
N LYS B 349 15.82 -6.74 -2.03
CA LYS B 349 15.87 -6.64 -3.49
C LYS B 349 15.06 -7.75 -4.16
N LYS B 350 15.30 -9.00 -3.79
CA LYS B 350 14.61 -10.09 -4.47
C LYS B 350 13.14 -10.18 -4.06
N TYR B 351 12.82 -9.85 -2.80
CA TYR B 351 11.42 -9.78 -2.41
C TYR B 351 10.66 -8.79 -3.29
N LEU B 352 11.20 -7.59 -3.44
CA LEU B 352 10.49 -6.55 -4.20
C LEU B 352 10.27 -6.99 -5.63
N ALA B 353 11.27 -7.64 -6.23
CA ALA B 353 11.11 -8.14 -7.59
C ALA B 353 10.08 -9.27 -7.64
N LYS B 354 10.06 -10.14 -6.64
CA LYS B 354 9.11 -11.25 -6.65
C LYS B 354 7.68 -10.76 -6.46
N LEU B 355 7.47 -9.84 -5.51
CA LEU B 355 6.14 -9.28 -5.30
C LEU B 355 5.57 -8.70 -6.59
N ARG B 356 6.39 -8.00 -7.35
CA ARG B 356 5.96 -7.35 -8.58
C ARG B 356 5.83 -8.32 -9.74
N SER B 357 6.19 -9.59 -9.57
CA SER B 357 6.09 -10.56 -10.64
C SER B 357 4.96 -11.57 -10.47
N ILE B 358 4.47 -11.79 -9.25
CA ILE B 358 3.52 -12.89 -9.05
C ILE B 358 2.12 -12.51 -9.52
N ASN B 359 1.25 -13.51 -9.57
CA ASN B 359 -0.15 -13.31 -9.85
C ASN B 359 -0.90 -13.29 -8.53
N PRO B 360 -1.49 -12.17 -8.13
CA PRO B 360 -2.23 -12.14 -6.87
C PRO B 360 -3.40 -13.10 -6.91
N PRO B 361 -4.00 -13.44 -5.76
CA PRO B 361 -3.79 -12.85 -4.43
C PRO B 361 -2.43 -13.12 -3.81
N CYS B 362 -2.00 -12.15 -3.00
CA CYS B 362 -0.80 -12.29 -2.20
C CYS B 362 -1.03 -11.57 -0.88
N VAL B 363 -0.13 -11.81 0.07
CA VAL B 363 -0.07 -11.04 1.30
C VAL B 363 1.30 -10.41 1.38
N PRO B 364 1.42 -9.11 1.09
CA PRO B 364 2.72 -8.46 1.18
C PRO B 364 3.24 -8.40 2.61
N PHE B 365 4.55 -8.26 2.72
CA PHE B 365 5.16 -7.86 3.98
C PHE B 365 4.98 -6.35 4.16
N PHE B 366 4.34 -5.92 5.25
CA PHE B 366 4.01 -4.50 5.40
C PHE B 366 5.21 -3.64 5.81
N GLY B 367 6.22 -4.23 6.44
CA GLY B 367 7.25 -3.42 7.08
C GLY B 367 7.98 -2.50 6.11
N ILE B 368 8.20 -2.97 4.88
CA ILE B 368 8.90 -2.12 3.91
C ILE B 368 8.10 -0.88 3.60
N TYR B 369 6.77 -1.03 3.46
CA TYR B 369 5.92 0.13 3.22
C TYR B 369 6.00 1.13 4.36
N LEU B 370 6.02 0.63 5.60
CA LEU B 370 6.08 1.51 6.76
C LEU B 370 7.37 2.33 6.75
N THR B 371 8.50 1.65 6.52
CA THR B 371 9.76 2.36 6.48
C THR B 371 9.78 3.39 5.34
N ASN B 372 9.24 3.03 4.16
CA ASN B 372 9.27 3.97 3.05
C ASN B 372 8.34 5.16 3.28
N ILE B 373 7.17 4.94 3.89
CA ILE B 373 6.28 6.06 4.19
C ILE B 373 6.94 6.99 5.22
N LEU B 374 7.50 6.39 6.28
N LEU B 374 7.49 6.39 6.29
CA LEU B 374 8.10 7.19 7.34
CA LEU B 374 8.10 7.20 7.34
C LEU B 374 9.26 8.03 6.83
C LEU B 374 9.24 8.05 6.79
N LYS B 375 10.13 7.43 6.01
CA LYS B 375 11.29 8.16 5.52
C LYS B 375 10.91 9.20 4.47
N THR B 376 9.87 8.92 3.68
CA THR B 376 9.38 9.96 2.76
C THR B 376 8.86 11.16 3.53
N GLU B 377 8.15 10.90 4.64
CA GLU B 377 7.60 12.03 5.39
CA GLU B 377 7.59 12.00 5.45
C GLU B 377 8.70 12.77 6.15
N GLU B 378 9.68 12.05 6.69
CA GLU B 378 10.72 12.68 7.47
C GLU B 378 11.75 13.37 6.60
N GLY B 379 11.96 12.89 5.38
CA GLY B 379 13.04 13.32 4.54
C GLY B 379 12.72 14.39 3.54
N ASN B 380 11.48 14.89 3.52
CA ASN B 380 11.07 15.93 2.59
C ASN B 380 10.33 17.04 3.33
N PRO B 381 10.51 18.29 2.92
CA PRO B 381 9.87 19.40 3.64
C PRO B 381 8.39 19.52 3.31
N GLU B 382 7.62 19.99 4.30
CA GLU B 382 6.20 20.23 4.09
C GLU B 382 5.97 21.33 3.05
N VAL B 383 6.83 22.34 3.01
CA VAL B 383 6.63 23.47 2.11
C VAL B 383 7.90 23.74 1.32
N LEU B 384 7.71 24.35 0.15
CA LEU B 384 8.80 24.90 -0.64
C LEU B 384 8.66 26.41 -0.63
N LYS B 385 9.77 27.12 -0.41
CA LYS B 385 9.75 28.57 -0.40
C LYS B 385 10.20 29.08 -1.76
N ARG B 386 9.33 29.87 -2.41
CA ARG B 386 9.59 30.36 -3.77
C ARG B 386 9.06 31.78 -3.86
N HIS B 387 9.92 32.72 -4.25
CA HIS B 387 9.53 34.11 -4.48
C HIS B 387 8.84 34.71 -3.26
N GLY B 388 9.35 34.37 -2.08
CA GLY B 388 8.78 34.86 -0.84
C GLY B 388 7.50 34.18 -0.39
N LYS B 389 6.98 33.23 -1.17
CA LYS B 389 5.76 32.52 -0.83
C LYS B 389 6.09 31.13 -0.31
N GLU B 390 5.21 30.60 0.53
CA GLU B 390 5.32 29.20 0.95
C GLU B 390 4.32 28.39 0.14
N LEU B 391 4.82 27.43 -0.62
CA LEU B 391 3.96 26.55 -1.42
C LEU B 391 3.94 25.17 -0.79
N ILE B 392 2.77 24.52 -0.82
CA ILE B 392 2.68 23.15 -0.32
C ILE B 392 3.53 22.26 -1.20
N ASN B 393 4.41 21.48 -0.60
CA ASN B 393 5.24 20.51 -1.33
C ASN B 393 4.37 19.30 -1.68
N PHE B 394 3.74 19.33 -2.85
CA PHE B 394 2.83 18.24 -3.18
C PHE B 394 3.57 16.99 -3.66
N SER B 395 4.77 17.15 -4.23
N SER B 395 4.77 17.15 -4.23
CA SER B 395 5.54 15.98 -4.64
CA SER B 395 5.55 15.99 -4.65
C SER B 395 5.73 15.01 -3.49
C SER B 395 5.75 15.01 -3.49
N LYS B 396 5.96 15.53 -2.29
CA LYS B 396 6.10 14.68 -1.11
C LYS B 396 4.84 13.87 -0.85
N ARG B 397 3.68 14.50 -0.96
CA ARG B 397 2.40 13.80 -0.76
C ARG B 397 2.15 12.79 -1.85
N ARG B 398 2.51 13.12 -3.09
CA ARG B 398 2.39 12.13 -4.17
C ARG B 398 3.22 10.88 -3.89
N LYS B 399 4.45 11.06 -3.38
CA LYS B 399 5.27 9.91 -3.05
C LYS B 399 4.63 9.03 -1.99
N VAL B 400 4.05 9.64 -0.95
CA VAL B 400 3.35 8.86 0.08
C VAL B 400 2.17 8.11 -0.54
N ALA B 401 1.39 8.81 -1.37
CA ALA B 401 0.20 8.18 -1.94
C ALA B 401 0.56 7.12 -2.97
N GLU B 402 1.75 7.18 -3.57
CA GLU B 402 2.16 6.07 -4.43
CA GLU B 402 2.18 6.07 -4.42
C GLU B 402 2.33 4.80 -3.60
N ILE B 403 2.83 4.93 -2.38
CA ILE B 403 2.98 3.78 -1.51
C ILE B 403 1.62 3.28 -1.03
N THR B 404 0.74 4.20 -0.57
CA THR B 404 -0.57 3.73 -0.12
C THR B 404 -1.35 3.16 -1.29
N GLY B 405 -1.14 3.66 -2.52
CA GLY B 405 -1.79 3.07 -3.68
C GLY B 405 -1.32 1.66 -3.96
N GLU B 406 -0.02 1.40 -3.80
CA GLU B 406 0.48 0.05 -3.98
CA GLU B 406 0.49 0.05 -3.97
C GLU B 406 -0.11 -0.89 -2.93
N ILE B 407 -0.16 -0.44 -1.68
CA ILE B 407 -0.79 -1.24 -0.63
C ILE B 407 -2.21 -1.61 -1.03
N GLN B 408 -2.99 -0.60 -1.44
CA GLN B 408 -4.39 -0.83 -1.77
C GLN B 408 -4.55 -1.78 -2.95
N GLN B 409 -3.64 -1.71 -3.93
CA GLN B 409 -3.79 -2.58 -5.11
C GLN B 409 -3.74 -4.06 -4.69
N TYR B 410 -2.88 -4.40 -3.71
CA TYR B 410 -2.82 -5.80 -3.24
C TYR B 410 -3.91 -6.14 -2.24
N GLN B 411 -4.71 -5.17 -1.80
CA GLN B 411 -5.83 -5.46 -0.90
C GLN B 411 -7.09 -5.88 -1.64
N ASN B 412 -7.09 -5.86 -2.98
CA ASN B 412 -8.33 -6.08 -3.70
C ASN B 412 -8.66 -7.56 -3.89
N GLN B 413 -7.65 -8.37 -4.14
CA GLN B 413 -7.85 -9.76 -4.61
C GLN B 413 -8.08 -10.71 -3.43
N PRO B 414 -9.20 -11.41 -3.37
CA PRO B 414 -9.44 -12.36 -2.27
C PRO B 414 -8.90 -13.75 -2.57
N TYR B 415 -8.54 -14.47 -1.50
CA TYR B 415 -8.10 -15.85 -1.65
C TYR B 415 -9.26 -16.81 -1.83
N CYS B 416 -9.12 -17.74 -2.77
CA CYS B 416 -10.11 -18.79 -2.97
C CYS B 416 -9.74 -19.98 -2.08
N LEU B 417 -9.96 -19.79 -0.79
CA LEU B 417 -9.70 -20.79 0.24
C LEU B 417 -10.84 -20.77 1.24
N ARG B 418 -11.25 -21.96 1.69
CA ARG B 418 -12.36 -22.06 2.64
C ARG B 418 -11.85 -21.86 4.07
N VAL B 419 -12.56 -21.03 4.83
CA VAL B 419 -12.26 -20.86 6.25
C VAL B 419 -12.65 -22.13 7.01
N GLU B 420 -11.78 -22.53 7.95
CA GLU B 420 -12.11 -23.55 8.93
C GLU B 420 -12.18 -22.80 10.26
N SER B 421 -13.39 -22.69 10.80
N SER B 421 -13.39 -22.67 10.80
CA SER B 421 -13.61 -21.75 11.92
CA SER B 421 -13.59 -21.74 11.91
C SER B 421 -12.82 -22.14 13.16
C SER B 421 -12.83 -22.14 13.17
N ASP B 422 -12.68 -23.45 13.43
CA ASP B 422 -11.95 -23.89 14.61
C ASP B 422 -10.45 -23.67 14.45
N ILE B 423 -9.90 -23.96 13.27
CA ILE B 423 -8.47 -23.69 13.06
C ILE B 423 -8.22 -22.19 13.08
N LYS B 424 -9.12 -21.40 12.51
N LYS B 424 -9.12 -21.41 12.50
CA LYS B 424 -8.99 -19.96 12.55
CA LYS B 424 -9.01 -19.95 12.55
C LYS B 424 -8.96 -19.45 14.00
C LYS B 424 -8.97 -19.46 13.99
N ARG B 425 -9.90 -19.94 14.82
CA ARG B 425 -9.94 -19.53 16.22
C ARG B 425 -8.67 -19.92 16.96
N PHE B 426 -8.13 -21.11 16.66
CA PHE B 426 -6.88 -21.54 17.28
C PHE B 426 -5.76 -20.55 17.01
N PHE B 427 -5.62 -20.11 15.77
CA PHE B 427 -4.54 -19.18 15.47
C PHE B 427 -4.85 -17.76 15.94
N GLU B 428 -6.13 -17.40 15.98
CA GLU B 428 -6.48 -16.08 16.52
C GLU B 428 -6.14 -15.98 18.01
N ASN B 429 -6.26 -17.07 18.74
CA ASN B 429 -6.08 -17.07 20.18
C ASN B 429 -4.68 -17.50 20.61
N LEU B 430 -3.78 -17.77 19.66
CA LEU B 430 -2.41 -18.12 19.98
C LEU B 430 -1.78 -17.02 20.82
N ASN B 431 -1.11 -17.41 21.90
CA ASN B 431 -0.54 -16.45 22.85
C ASN B 431 0.72 -17.03 23.46
N PRO B 432 1.79 -17.15 22.66
CA PRO B 432 2.98 -17.85 23.18
C PRO B 432 3.60 -17.21 24.40
N MET B 433 3.53 -15.87 24.54
CA MET B 433 4.13 -15.19 25.67
CA MET B 433 4.14 -15.22 25.69
C MET B 433 3.32 -15.38 26.96
N GLY B 434 2.05 -15.77 26.86
CA GLY B 434 1.27 -15.90 28.08
C GLY B 434 1.15 -14.56 28.78
N ASN B 435 1.33 -14.55 30.10
CA ASN B 435 1.32 -13.29 30.85
C ASN B 435 2.70 -12.69 31.00
N SER B 436 3.73 -13.26 30.36
CA SER B 436 5.08 -12.75 30.54
C SER B 436 5.32 -11.50 29.72
N MET B 437 6.19 -10.63 30.23
CA MET B 437 6.65 -9.50 29.46
C MET B 437 7.66 -9.95 28.40
N GLU B 438 7.90 -9.07 27.42
CA GLU B 438 8.69 -9.45 26.25
C GLU B 438 10.11 -9.88 26.63
N LYS B 439 10.80 -9.09 27.46
CA LYS B 439 12.19 -9.43 27.78
C LYS B 439 12.26 -10.75 28.54
N GLU B 440 11.38 -10.93 29.52
CA GLU B 440 11.32 -12.17 30.28
C GLU B 440 11.10 -13.36 29.34
N PHE B 441 10.21 -13.22 28.36
CA PHE B 441 9.90 -14.33 27.47
C PHE B 441 11.04 -14.60 26.50
N THR B 442 11.62 -13.57 25.90
CA THR B 442 12.66 -13.85 24.92
C THR B 442 13.94 -14.33 25.62
N ASP B 443 14.19 -13.89 26.85
CA ASP B 443 15.26 -14.50 27.63
C ASP B 443 14.97 -15.96 27.95
N TYR B 444 13.71 -16.29 28.24
CA TYR B 444 13.33 -17.67 28.45
C TYR B 444 13.64 -18.52 27.22
N LEU B 445 13.27 -18.04 26.03
CA LEU B 445 13.53 -18.80 24.81
C LEU B 445 15.02 -19.01 24.59
N PHE B 446 15.83 -17.99 24.87
CA PHE B 446 17.26 -18.13 24.67
C PHE B 446 17.85 -19.09 25.68
N ASN B 447 17.38 -19.03 26.93
CA ASN B 447 17.88 -19.98 27.92
C ASN B 447 17.47 -21.41 27.59
N LYS B 448 16.29 -21.61 26.99
CA LYS B 448 15.94 -22.96 26.52
C LYS B 448 16.90 -23.41 25.43
N SER B 449 17.21 -22.50 24.49
CA SER B 449 18.16 -22.84 23.42
C SER B 449 19.48 -23.31 24.03
N LEU B 450 19.98 -22.58 25.03
CA LEU B 450 21.24 -22.96 25.68
C LEU B 450 21.12 -24.30 26.39
N GLU B 451 19.95 -24.59 26.96
CA GLU B 451 19.74 -25.88 27.62
C GLU B 451 19.81 -27.03 26.63
N ILE B 452 19.09 -26.92 25.51
CA ILE B 452 18.94 -28.05 24.60
C ILE B 452 20.17 -28.24 23.72
N GLU B 453 20.92 -27.18 23.43
CA GLU B 453 22.18 -27.29 22.70
C GLU B 453 23.19 -26.35 23.35
N PRO B 454 23.89 -26.82 24.37
CA PRO B 454 24.81 -25.94 25.11
C PRO B 454 25.96 -25.41 24.24
N ARG B 455 26.50 -24.26 24.65
N ARG B 455 26.49 -24.26 24.64
CA ARG B 455 27.65 -23.69 23.98
CA ARG B 455 27.65 -23.68 23.97
C ARG B 455 28.84 -24.64 24.06
C ARG B 455 28.84 -24.62 24.07
N ASN B 456 29.58 -24.76 22.96
CA ASN B 456 30.82 -25.52 23.00
C ASN B 456 31.77 -24.88 24.02
N PRO B 457 32.56 -25.68 24.75
CA PRO B 457 32.72 -27.12 24.61
C PRO B 457 31.82 -27.97 25.51
N LYS B 458 30.74 -27.40 26.03
CA LYS B 458 29.84 -28.19 26.86
C LYS B 458 29.24 -29.32 26.02
N PRO B 459 29.11 -30.51 26.57
CA PRO B 459 28.61 -31.64 25.77
C PRO B 459 27.12 -31.52 25.49
N LEU B 460 26.71 -32.17 24.41
CA LEU B 460 25.30 -32.16 24.02
C LEU B 460 24.53 -33.17 24.85
N PRO B 461 23.56 -32.76 25.65
CA PRO B 461 22.77 -33.72 26.42
C PRO B 461 21.73 -34.41 25.56
N ARG B 462 21.13 -35.45 26.14
CA ARG B 462 20.00 -36.15 25.57
C ARG B 462 18.76 -35.77 26.36
N PHE B 463 17.60 -35.82 25.71
CA PHE B 463 16.35 -35.44 26.34
C PHE B 463 15.26 -36.42 25.94
N PRO B 464 14.29 -36.66 26.82
CA PRO B 464 13.19 -37.58 26.48
C PRO B 464 12.24 -36.96 25.46
N LYS B 465 11.57 -37.85 24.73
CA LYS B 465 10.53 -37.43 23.79
C LYS B 465 9.32 -36.89 24.53
N LYS B 466 8.63 -35.94 23.91
CA LYS B 466 7.43 -35.35 24.49
C LYS B 466 6.15 -35.63 23.68
N TYR B 467 6.27 -36.09 22.43
CA TYR B 467 5.10 -36.29 21.57
C TYR B 467 4.75 -37.76 21.50
N SER B 468 3.48 -38.09 21.74
CA SER B 468 3.06 -39.48 21.74
C SER B 468 2.53 -39.95 20.40
N TYR B 469 2.39 -39.05 19.44
CA TYR B 469 1.81 -39.33 18.14
C TYR B 469 2.89 -39.34 17.07
N PRO B 470 2.58 -39.86 15.87
CA PRO B 470 3.62 -39.96 14.84
C PRO B 470 4.14 -38.60 14.42
N LEU B 471 5.44 -38.53 14.20
CA LEU B 471 6.10 -37.29 13.76
C LEU B 471 6.17 -37.16 12.25
N LYS B 472 5.87 -38.22 11.50
CA LYS B 472 6.00 -38.17 10.06
C LYS B 472 5.01 -37.16 9.47
N SER B 473 5.52 -36.28 8.63
CA SER B 473 4.65 -35.30 8.00
C SER B 473 3.78 -35.94 6.92
N PRO B 474 2.52 -35.51 6.78
CA PRO B 474 1.73 -35.95 5.61
C PRO B 474 2.17 -35.26 4.31
N GLY B 475 3.11 -34.31 4.39
CA GLY B 475 3.59 -33.63 3.20
C GLY B 475 2.73 -32.44 2.85
N VAL B 476 3.16 -31.70 1.83
CA VAL B 476 2.46 -30.46 1.48
C VAL B 476 1.89 -30.49 0.06
N ARG B 477 1.79 -31.67 -0.55
CA ARG B 477 1.04 -31.73 -1.80
C ARG B 477 -0.43 -32.06 -1.50
N PRO B 478 -1.38 -31.32 -2.05
CA PRO B 478 -2.78 -31.52 -1.67
C PRO B 478 -3.37 -32.80 -2.24
N SER B 479 -4.39 -33.29 -1.56
CA SER B 479 -5.11 -34.50 -1.94
C SER B 479 -6.47 -34.12 -2.49
N ASN B 480 -7.06 -34.99 -3.29
CA ASN B 480 -8.36 -34.69 -3.90
C ASN B 480 -9.17 -35.96 -4.08
N PRO B 481 -9.98 -36.31 -3.08
CA PRO B 481 -10.99 -37.35 -3.29
C PRO B 481 -12.12 -36.82 -4.17
N ARG B 482 -12.92 -37.73 -4.70
CA ARG B 482 -14.05 -37.34 -5.52
C ARG B 482 -15.07 -36.60 -4.65
N GLY C 1 38.07 -4.52 -4.38
CA GLY C 1 38.21 -3.08 -4.34
C GLY C 1 38.09 -2.49 -2.95
N MET C 2 37.24 -1.48 -2.81
CA MET C 2 37.13 -0.77 -1.55
C MET C 2 36.29 -1.56 -0.55
N THR C 3 36.60 -1.37 0.72
CA THR C 3 35.89 -2.05 1.79
C THR C 3 34.47 -1.52 1.90
N GLU C 4 33.53 -2.43 2.14
CA GLU C 4 32.14 -2.08 2.41
C GLU C 4 31.84 -2.38 3.87
N TYR C 5 31.26 -1.41 4.58
CA TYR C 5 30.87 -1.59 5.97
C TYR C 5 29.37 -1.66 6.05
N LYS C 6 28.85 -2.69 6.69
CA LYS C 6 27.42 -2.86 6.88
C LYS C 6 27.07 -2.31 8.26
N LEU C 7 26.42 -1.16 8.29
CA LEU C 7 26.07 -0.49 9.53
C LEU C 7 24.56 -0.63 9.78
N VAL C 8 24.19 -0.75 11.04
CA VAL C 8 22.79 -0.93 11.43
C VAL C 8 22.42 0.12 12.47
N VAL C 9 21.32 0.84 12.22
CA VAL C 9 20.80 1.85 13.12
C VAL C 9 19.71 1.20 13.96
N VAL C 10 19.81 1.31 15.28
CA VAL C 10 18.80 0.75 16.17
C VAL C 10 18.38 1.80 17.17
N GLY C 11 17.15 1.68 17.66
CA GLY C 11 16.68 2.57 18.71
C GLY C 11 15.18 2.71 18.67
N ALA C 12 14.67 3.38 19.69
CA ALA C 12 13.23 3.52 19.85
C ALA C 12 12.61 4.26 18.67
N GLY C 13 11.35 3.89 18.36
CA GLY C 13 10.62 4.56 17.32
C GLY C 13 9.96 5.86 17.77
N GLY C 14 9.45 6.59 16.78
CA GLY C 14 8.62 7.75 17.01
C GLY C 14 9.34 8.98 17.51
N VAL C 15 10.67 8.99 17.52
CA VAL C 15 11.41 10.11 18.08
C VAL C 15 12.53 10.56 17.14
N GLY C 16 12.31 10.44 15.83
CA GLY C 16 13.19 11.09 14.87
C GLY C 16 14.46 10.34 14.52
N LYS C 17 14.56 9.07 14.88
CA LYS C 17 15.73 8.24 14.58
C LYS C 17 16.12 8.29 13.10
N SER C 18 15.13 8.27 12.20
CA SER C 18 15.43 8.17 10.77
C SER C 18 16.18 9.37 10.21
N ALA C 19 16.15 10.51 10.92
CA ALA C 19 16.81 11.71 10.40
C ALA C 19 18.31 11.52 10.30
N LEU C 20 18.88 10.62 11.12
N LEU C 20 18.88 10.60 11.08
CA LEU C 20 20.32 10.38 11.09
CA LEU C 20 20.33 10.42 11.09
C LEU C 20 20.78 9.94 9.72
C LEU C 20 20.84 9.91 9.74
N THR C 21 20.24 8.83 9.24
CA THR C 21 20.68 8.27 7.97
C THR C 21 20.22 9.11 6.79
N ILE C 22 19.01 9.66 6.87
CA ILE C 22 18.54 10.54 5.81
C ILE C 22 19.50 11.71 5.62
N GLN C 23 19.92 12.32 6.73
CA GLN C 23 20.80 13.49 6.60
C GLN C 23 22.17 13.10 6.08
N LEU C 24 22.66 11.92 6.44
CA LEU C 24 23.94 11.45 5.93
C LEU C 24 23.88 11.25 4.42
N ILE C 25 22.95 10.38 3.99
CA ILE C 25 22.89 9.89 2.61
C ILE C 25 22.37 10.98 1.70
N GLN C 26 21.61 11.92 2.25
CA GLN C 26 20.96 12.95 1.47
C GLN C 26 21.95 13.63 0.55
N ASN C 27 21.44 14.11 -0.57
CA ASN C 27 21.96 15.35 -1.12
C ASN C 27 22.08 16.25 0.11
N HIS C 28 23.30 16.38 0.66
CA HIS C 28 23.47 17.16 1.88
C HIS C 28 22.78 18.51 1.77
N PHE C 29 22.80 19.09 0.57
CA PHE C 29 22.41 20.48 0.36
C PHE C 29 21.08 20.66 -0.36
N VAL C 30 20.34 19.61 -0.65
CA VAL C 30 18.94 19.73 -1.01
C VAL C 30 18.14 18.84 -0.07
N ASP C 31 17.16 19.43 0.62
CA ASP C 31 16.37 18.70 1.60
C ASP C 31 15.29 17.94 0.85
N GLU C 32 15.61 16.69 0.48
CA GLU C 32 14.78 15.86 -0.38
C GLU C 32 15.21 14.41 -0.20
N TYR C 33 14.30 13.48 -0.51
CA TYR C 33 14.62 12.07 -0.27
C TYR C 33 13.58 11.17 -0.94
N ASP C 34 14.04 10.14 -1.63
CA ASP C 34 13.17 9.04 -2.05
C ASP C 34 13.78 7.75 -1.51
N PRO C 35 13.22 7.20 -0.43
CA PRO C 35 13.81 5.99 0.16
C PRO C 35 13.60 4.76 -0.69
N THR C 36 12.68 4.80 -1.65
CA THR C 36 12.44 3.63 -2.48
C THR C 36 13.53 3.45 -3.50
N ILE C 37 14.42 4.42 -3.65
CA ILE C 37 15.42 4.41 -4.70
C ILE C 37 16.55 3.48 -4.30
N GLU C 38 16.66 2.35 -5.01
CA GLU C 38 17.82 1.46 -4.98
C GLU C 38 19.08 2.24 -4.65
N ASP C 39 19.68 1.92 -3.51
CA ASP C 39 20.89 2.58 -3.04
C ASP C 39 20.63 4.04 -2.64
N SER C 40 19.56 4.23 -1.86
CA SER C 40 19.36 5.43 -1.06
CA SER C 40 19.37 5.44 -1.06
C SER C 40 19.89 5.24 0.35
N TYR C 41 20.68 4.19 0.55
CA TYR C 41 21.25 3.80 1.84
C TYR C 41 22.67 3.28 1.62
N ARG C 42 23.27 3.60 0.47
CA ARG C 42 24.66 3.33 0.18
C ARG C 42 25.36 4.64 -0.14
N LYS C 43 26.55 4.82 0.43
CA LYS C 43 27.27 6.08 0.25
C LYS C 43 28.76 5.79 0.28
N GLN C 44 29.46 6.25 -0.75
CA GLN C 44 30.91 6.18 -0.78
C GLN C 44 31.48 7.40 -0.06
N VAL C 45 32.38 7.15 0.90
CA VAL C 45 32.95 8.20 1.73
C VAL C 45 34.44 7.96 1.88
N VAL C 46 35.15 9.01 2.27
CA VAL C 46 36.57 8.95 2.61
C VAL C 46 36.71 9.24 4.09
N ILE C 47 37.22 8.25 4.84
CA ILE C 47 37.41 8.36 6.28
C ILE C 47 38.88 8.15 6.57
N ASP C 48 39.53 9.19 7.12
CA ASP C 48 40.95 9.15 7.43
C ASP C 48 41.77 8.77 6.21
N GLY C 49 41.39 9.34 5.06
CA GLY C 49 42.11 9.14 3.82
C GLY C 49 41.83 7.82 3.12
N GLU C 50 40.97 6.97 3.66
CA GLU C 50 40.69 5.67 3.07
C GLU C 50 39.25 5.65 2.58
N THR C 51 39.08 5.47 1.27
CA THR C 51 37.76 5.43 0.67
C THR C 51 37.07 4.12 1.00
N CYS C 52 35.79 4.19 1.33
CA CYS C 52 35.01 2.99 1.60
C CYS C 52 33.56 3.24 1.24
N LEU C 53 32.77 2.17 1.29
CA LEU C 53 31.36 2.21 0.98
C LEU C 53 30.57 1.88 2.25
N LEU C 54 29.65 2.77 2.62
CA LEU C 54 28.76 2.50 3.75
C LEU C 54 27.45 1.95 3.21
N ASP C 55 27.03 0.80 3.73
CA ASP C 55 25.69 0.28 3.50
C ASP C 55 24.95 0.37 4.83
N ILE C 56 23.92 1.19 4.90
CA ILE C 56 23.25 1.48 6.16
C ILE C 56 21.87 0.86 6.16
N LEU C 57 21.60 0.04 7.18
CA LEU C 57 20.26 -0.51 7.40
C LEU C 57 19.59 0.28 8.51
N ASP C 58 18.48 0.94 8.17
CA ASP C 58 17.67 1.67 9.14
C ASP C 58 16.23 1.25 8.87
N THR C 59 15.70 0.38 9.73
CA THR C 59 14.33 -0.12 9.59
C THR C 59 13.32 0.74 10.33
N ALA C 60 13.63 2.03 10.51
CA ALA C 60 12.73 2.97 11.16
C ALA C 60 11.31 2.78 10.66
N GLY C 61 10.36 2.70 11.60
CA GLY C 61 8.98 2.46 11.31
C GLY C 61 8.54 1.02 11.52
N GLN C 62 9.49 0.08 11.60
CA GLN C 62 9.21 -1.34 11.82
C GLN C 62 9.41 -1.78 13.26
N GLU C 63 9.44 -0.82 14.20
CA GLU C 63 9.77 -1.18 15.58
C GLU C 63 8.80 -2.18 16.19
N GLU C 64 7.54 -2.19 15.75
CA GLU C 64 6.58 -3.14 16.31
C GLU C 64 6.84 -4.58 15.85
N TYR C 65 7.60 -4.79 14.76
CA TYR C 65 8.01 -6.13 14.36
C TYR C 65 9.20 -6.58 15.21
N SER C 66 8.93 -6.75 16.51
CA SER C 66 10.02 -6.95 17.45
C SER C 66 10.72 -8.29 17.26
N ALA C 67 10.03 -9.29 16.70
CA ALA C 67 10.69 -10.58 16.51
C ALA C 67 11.57 -10.60 15.27
N MET C 68 11.59 -9.53 14.47
CA MET C 68 12.49 -9.42 13.34
C MET C 68 13.81 -8.77 13.71
N ARG C 69 13.93 -8.22 14.92
CA ARG C 69 15.13 -7.45 15.25
C ARG C 69 16.39 -8.30 15.16
N ASP C 70 16.34 -9.55 15.63
CA ASP C 70 17.53 -10.39 15.59
C ASP C 70 18.03 -10.56 14.17
N GLN C 71 17.12 -10.88 13.25
CA GLN C 71 17.56 -11.09 11.87
C GLN C 71 18.16 -9.82 11.28
N TYR C 72 17.48 -8.67 11.47
CA TYR C 72 18.02 -7.41 10.96
C TYR C 72 19.39 -7.11 11.57
N MET C 73 19.53 -7.29 12.88
CA MET C 73 20.78 -6.95 13.56
C MET C 73 21.93 -7.83 13.09
N ARG C 74 21.66 -9.10 12.80
CA ARG C 74 22.79 -9.97 12.48
C ARG C 74 23.48 -9.55 11.19
N THR C 75 22.81 -8.76 10.33
CA THR C 75 23.44 -8.30 9.10
C THR C 75 24.57 -7.29 9.36
N GLY C 76 24.65 -6.71 10.54
CA GLY C 76 25.54 -5.57 10.77
C GLY C 76 26.91 -5.94 11.30
N GLU C 77 27.93 -5.16 10.89
CA GLU C 77 29.25 -5.18 11.49
C GLU C 77 29.41 -4.13 12.59
N GLY C 78 28.64 -3.05 12.51
CA GLY C 78 28.71 -1.99 13.49
C GLY C 78 27.33 -1.40 13.67
N PHE C 79 27.09 -0.83 14.86
CA PHE C 79 25.74 -0.42 15.23
C PHE C 79 25.75 1.00 15.78
N LEU C 80 24.78 1.78 15.35
CA LEU C 80 24.50 3.07 15.98
C LEU C 80 23.28 2.86 16.87
N CYS C 81 23.45 3.01 18.17
CA CYS C 81 22.33 2.89 19.11
C CYS C 81 21.86 4.30 19.42
N VAL C 82 20.65 4.64 18.96
CA VAL C 82 20.16 6.01 18.92
C VAL C 82 19.05 6.18 19.95
N PHE C 83 19.12 7.26 20.72
CA PHE C 83 18.00 7.70 21.55
C PHE C 83 17.77 9.18 21.30
N ALA C 84 16.60 9.66 21.72
CA ALA C 84 16.25 11.06 21.59
C ALA C 84 16.53 11.77 22.90
N ILE C 85 17.19 12.94 22.83
CA ILE C 85 17.59 13.61 24.05
C ILE C 85 16.42 14.22 24.80
N ASN C 86 15.23 14.25 24.21
CA ASN C 86 14.05 14.69 24.94
C ASN C 86 13.10 13.53 25.27
N ASN C 87 13.59 12.29 25.21
CA ASN C 87 12.75 11.12 25.49
C ASN C 87 13.54 10.18 26.40
N THR C 88 13.28 10.28 27.71
N THR C 88 13.30 10.28 27.71
CA THR C 88 14.05 9.49 28.66
CA THR C 88 14.08 9.47 28.65
C THR C 88 13.84 7.99 28.45
C THR C 88 13.85 7.98 28.46
N LYS C 89 12.63 7.58 28.09
CA LYS C 89 12.38 6.16 27.85
C LYS C 89 13.29 5.62 26.74
N SER C 90 13.47 6.38 25.66
CA SER C 90 14.34 5.90 24.58
C SER C 90 15.78 5.74 25.06
N PHE C 91 16.21 6.58 26.02
CA PHE C 91 17.54 6.45 26.60
C PHE C 91 17.61 5.21 27.48
N GLU C 92 16.57 4.97 28.26
CA GLU C 92 16.54 3.78 29.13
C GLU C 92 16.48 2.50 28.31
N ASP C 93 15.95 2.54 27.08
CA ASP C 93 15.92 1.37 26.20
C ASP C 93 17.32 0.95 25.73
N ILE C 94 18.31 1.83 25.81
CA ILE C 94 19.60 1.56 25.16
C ILE C 94 20.22 0.28 25.70
N HIS C 95 20.16 0.09 27.02
CA HIS C 95 20.79 -1.08 27.63
C HIS C 95 20.30 -2.37 26.98
N GLN C 96 18.99 -2.49 26.77
CA GLN C 96 18.48 -3.74 26.20
C GLN C 96 18.84 -3.88 24.73
N TYR C 97 18.91 -2.78 23.98
CA TYR C 97 19.38 -2.88 22.60
C TYR C 97 20.82 -3.37 22.55
N ARG C 98 21.68 -2.85 23.43
CA ARG C 98 23.06 -3.30 23.43
C ARG C 98 23.16 -4.77 23.82
N GLU C 99 22.38 -5.20 24.81
CA GLU C 99 22.41 -6.61 25.19
C GLU C 99 21.95 -7.49 24.05
N GLN C 100 20.95 -7.03 23.31
CA GLN C 100 20.45 -7.82 22.19
C GLN C 100 21.47 -7.92 21.07
N ILE C 101 22.17 -6.81 20.78
CA ILE C 101 23.23 -6.84 19.78
C ILE C 101 24.32 -7.84 20.17
N LYS C 102 24.75 -7.79 21.44
CA LYS C 102 25.79 -8.70 21.91
C LYS C 102 25.36 -10.14 21.75
N ARG C 103 24.10 -10.44 22.05
CA ARG C 103 23.59 -11.79 21.92
C ARG C 103 23.54 -12.21 20.44
N VAL C 104 23.01 -11.34 19.58
CA VAL C 104 22.84 -11.69 18.16
C VAL C 104 24.20 -11.90 17.49
N LYS C 105 25.18 -11.07 17.83
CA LYS C 105 26.51 -11.20 17.24
C LYS C 105 27.39 -12.18 17.99
N ASP C 106 26.90 -12.70 19.13
CA ASP C 106 27.63 -13.67 19.97
C ASP C 106 29.01 -13.13 20.33
N SER C 107 29.03 -11.89 20.79
CA SER C 107 30.29 -11.24 21.13
C SER C 107 30.04 -10.20 22.21
N ASP C 108 31.00 -10.09 23.14
CA ASP C 108 30.93 -9.05 24.15
C ASP C 108 31.54 -7.73 23.68
N ASP C 109 32.15 -7.72 22.50
CA ASP C 109 32.87 -6.55 21.98
C ASP C 109 32.44 -6.32 20.53
N VAL C 110 31.26 -5.74 20.35
CA VAL C 110 30.70 -5.44 19.04
C VAL C 110 30.91 -3.95 18.77
N PRO C 111 31.44 -3.56 17.62
CA PRO C 111 31.59 -2.12 17.33
C PRO C 111 30.26 -1.41 17.38
N MET C 112 30.20 -0.38 18.23
CA MET C 112 28.96 0.36 18.35
C MET C 112 29.25 1.75 18.90
N VAL C 113 28.34 2.68 18.60
CA VAL C 113 28.40 4.03 19.12
C VAL C 113 27.03 4.38 19.69
N LEU C 114 27.03 5.19 20.74
CA LEU C 114 25.81 5.72 21.35
C LEU C 114 25.55 7.09 20.75
N VAL C 115 24.33 7.31 20.25
CA VAL C 115 24.00 8.57 19.58
C VAL C 115 22.80 9.18 20.28
N GLY C 116 22.97 10.42 20.78
CA GLY C 116 21.89 11.20 21.31
C GLY C 116 21.41 12.19 20.26
N ASN C 117 20.16 12.04 19.85
CA ASN C 117 19.60 12.78 18.71
C ASN C 117 18.67 13.88 19.21
N LYS C 118 18.91 15.10 18.74
N LYS C 118 18.91 15.12 18.78
CA LYS C 118 18.02 16.24 19.04
CA LYS C 118 18.00 16.21 19.08
C LYS C 118 17.01 16.35 17.91
C LYS C 118 17.02 16.33 17.92
N CYS C 119 15.79 15.91 18.15
CA CYS C 119 14.80 15.80 17.09
C CYS C 119 13.82 16.96 17.04
N ASP C 120 13.81 17.84 18.03
CA ASP C 120 12.98 19.04 17.96
C ASP C 120 13.46 20.01 19.03
N LEU C 121 12.66 21.06 19.26
CA LEU C 121 12.96 22.07 20.26
C LEU C 121 12.29 21.79 21.59
N ALA C 122 11.58 20.67 21.72
CA ALA C 122 11.07 20.26 23.02
C ALA C 122 12.23 20.11 24.00
N ALA C 123 11.93 20.27 25.29
CA ALA C 123 12.98 20.40 26.28
C ALA C 123 13.79 19.12 26.40
N ARG C 124 15.11 19.27 26.48
CA ARG C 124 15.97 18.12 26.70
C ARG C 124 15.69 17.51 28.07
N THR C 125 15.63 16.17 28.13
CA THR C 125 15.46 15.49 29.41
C THR C 125 16.61 14.56 29.75
N VAL C 126 17.49 14.26 28.81
CA VAL C 126 18.69 13.48 29.06
C VAL C 126 19.86 14.42 28.92
N GLU C 127 20.57 14.69 30.01
CA GLU C 127 21.72 15.56 29.93
C GLU C 127 22.91 14.82 29.32
N SER C 128 23.78 15.59 28.66
CA SER C 128 24.92 14.95 28.01
C SER C 128 25.78 14.19 29.01
N ARG C 129 25.91 14.66 30.25
CA ARG C 129 26.72 13.94 31.22
C ARG C 129 26.15 12.55 31.50
N GLN C 130 24.82 12.43 31.59
CA GLN C 130 24.21 11.11 31.79
C GLN C 130 24.58 10.17 30.65
N ALA C 131 24.51 10.67 29.41
CA ALA C 131 24.80 9.82 28.27
C ALA C 131 26.29 9.50 28.15
N GLN C 132 27.15 10.48 28.46
CA GLN C 132 28.59 10.22 28.50
C GLN C 132 28.91 9.14 29.52
N ASP C 133 28.30 9.23 30.71
CA ASP C 133 28.54 8.22 31.73
C ASP C 133 28.10 6.84 31.25
N LEU C 134 26.93 6.76 30.61
CA LEU C 134 26.48 5.47 30.10
C LEU C 134 27.45 4.93 29.06
N ALA C 135 27.85 5.76 28.09
CA ALA C 135 28.78 5.32 27.06
C ALA C 135 30.10 4.85 27.66
N ARG C 136 30.62 5.59 28.65
CA ARG C 136 31.86 5.19 29.29
C ARG C 136 31.71 3.85 29.99
N SER C 137 30.55 3.61 30.63
CA SER C 137 30.37 2.34 31.33
C SER C 137 30.38 1.17 30.35
N TYR C 138 30.00 1.42 29.09
CA TYR C 138 30.03 0.41 28.03
C TYR C 138 31.33 0.40 27.24
N GLY C 139 32.19 1.39 27.42
CA GLY C 139 33.40 1.45 26.64
C GLY C 139 33.20 1.86 25.19
N ILE C 140 32.20 2.70 24.90
CA ILE C 140 31.91 3.07 23.52
C ILE C 140 31.85 4.59 23.41
N PRO C 141 32.02 5.12 22.21
CA PRO C 141 31.90 6.57 22.00
C PRO C 141 30.46 7.07 22.13
N TYR C 142 30.34 8.36 22.47
CA TYR C 142 29.06 9.06 22.49
C TYR C 142 29.14 10.22 21.51
N ILE C 143 28.14 10.32 20.63
CA ILE C 143 28.04 11.43 19.68
C ILE C 143 26.63 12.01 19.82
N GLU C 144 26.53 13.34 19.88
CA GLU C 144 25.22 13.99 19.80
C GLU C 144 25.01 14.59 18.42
N THR C 145 23.77 14.50 17.94
CA THR C 145 23.44 14.91 16.58
C THR C 145 22.18 15.76 16.60
N SER C 146 22.06 16.63 15.60
CA SER C 146 20.82 17.38 15.38
C SER C 146 20.09 16.79 14.19
N ALA C 147 18.78 16.58 14.35
CA ALA C 147 17.94 16.07 13.26
C ALA C 147 17.61 17.12 12.23
N LYS C 148 17.99 18.37 12.47
CA LYS C 148 17.63 19.47 11.60
C LYS C 148 18.80 20.16 10.92
N THR C 149 19.96 20.23 11.57
CA THR C 149 21.09 21.01 11.06
C THR C 149 22.21 20.15 10.50
N ARG C 150 22.08 18.83 10.59
CA ARG C 150 23.07 17.84 10.20
C ARG C 150 24.29 17.83 11.11
N GLN C 151 24.31 18.63 12.17
CA GLN C 151 25.45 18.59 13.08
C GLN C 151 25.59 17.21 13.71
N GLY C 152 26.84 16.73 13.77
CA GLY C 152 27.12 15.45 14.42
C GLY C 152 26.92 14.24 13.55
N VAL C 153 26.22 14.37 12.42
CA VAL C 153 25.80 13.19 11.65
C VAL C 153 27.01 12.47 11.08
N GLU C 154 27.89 13.19 10.39
N GLU C 154 27.88 13.19 10.38
CA GLU C 154 29.08 12.54 9.86
CA GLU C 154 29.09 12.58 9.86
C GLU C 154 29.95 11.99 10.97
C GLU C 154 29.93 11.98 10.98
N ASP C 155 30.07 12.73 12.08
CA ASP C 155 30.86 12.24 13.21
C ASP C 155 30.32 10.91 13.73
N ALA C 156 28.99 10.76 13.81
CA ALA C 156 28.43 9.50 14.31
C ALA C 156 28.85 8.32 13.44
N PHE C 157 28.66 8.44 12.13
CA PHE C 157 28.94 7.32 11.24
C PHE C 157 30.44 7.08 11.09
N TYR C 158 31.22 8.15 10.96
CA TYR C 158 32.67 7.99 10.81
C TYR C 158 33.28 7.41 12.08
N THR C 159 32.79 7.84 13.26
CA THR C 159 33.29 7.26 14.50
C THR C 159 33.00 5.77 14.55
N LEU C 160 31.82 5.36 14.09
CA LEU C 160 31.51 3.93 14.07
C LEU C 160 32.45 3.18 13.15
N VAL C 161 32.72 3.73 11.96
CA VAL C 161 33.65 3.06 11.04
C VAL C 161 35.03 2.91 11.69
N ARG C 162 35.47 3.95 12.40
CA ARG C 162 36.75 3.84 13.11
C ARG C 162 36.70 2.74 14.18
N GLU C 163 35.56 2.59 14.86
CA GLU C 163 35.45 1.49 15.82
C GLU C 163 35.57 0.14 15.12
N ILE C 164 35.00 0.02 13.93
CA ILE C 164 35.13 -1.23 13.18
C ILE C 164 36.58 -1.46 12.79
N ARG C 165 37.23 -0.43 12.24
CA ARG C 165 38.60 -0.56 11.77
C ARG C 165 39.56 -0.91 12.89
N GLN C 166 39.29 -0.41 14.10
CA GLN C 166 40.17 -0.62 15.23
C GLN C 166 39.74 -1.78 16.12
N HIS C 167 38.75 -2.57 15.69
CA HIS C 167 38.28 -3.67 16.52
C HIS C 167 39.37 -4.71 16.75
#